data_8RU4
#
_entry.id   8RU4
#
_cell.length_a   64.567
_cell.length_b   103.617
_cell.length_c   187.923
_cell.angle_alpha   90
_cell.angle_beta   90
_cell.angle_gamma   90
#
_symmetry.space_group_name_H-M   'P 21 21 21'
#
loop_
_entity.id
_entity.type
_entity.pdbx_description
1 polymer 'Catenin beta-1'
2 polymer Axin-1
3 non-polymer alpha-D-glucopyranose
4 non-polymer 2-AMINO-2-HYDROXYMETHYL-PROPANE-1,3-DIOL
5 non-polymer 'CHLORIDE ION'
6 non-polymer 'SODIUM ION'
7 water water
#
loop_
_entity_poly.entity_id
_entity_poly.type
_entity_poly.pdbx_seq_one_letter_code
_entity_poly.pdbx_strand_id
1 'polypeptide(L)'
;GPDAELATRAIPELTKLLNDEDQVVVNKAAVMVHQLSKKEASRHAIMRSPQMVSAIVRTMQNTNDVETARCTAGTLHNLS
HHREGLLAIFKSGGIPALVKMLGSPVDSVLFYAITTLHNLLLHQEGAKMAVRLAGGLQKMVALLNKTNVKFLAITTDCLQ
ILAYGNQESKLIILASGGPQALVNIMRTYTYEKLLWTTSRVLKVLSVCSSNKPAIVEAGGMQALGLHLTDPSQRLVQNCL
WTLRNLSDAATKQEGMEGLLGTLVQLLGSDDINVVTCAAGILSNLTCNNYKNKMMVCQVGGIEALVRTVLRAGDREDITE
PAI(CSO)ALRHLTSRHQEAEMAQNAVRLHYGLPVVVKLLHPPSHWPLIKATVGLIRNLALCPANHAPLREQGAIPRLVQ
LLVRAHQDTQRRTSMGGTQQQFVEGVRMEEIVEGCTGALHILARDVHNRIVIRGLNTIPLFVQLLYSPIENIQRVAAGVL
CELAQDKEAAEAIEAEGATAPLTELLHSRNEGVATYAAAVLFRMSED
;
A,B
2 'polypeptide(L)' (ACE)(MH8)ILD(B5I)HL(MH8)RVW(NH2) C
#
loop_
_chem_comp.id
_chem_comp.type
_chem_comp.name
_chem_comp.formula
ACE non-polymer 'ACETYL GROUP' 'C2 H4 O'
CL non-polymer 'CHLORIDE ION' 'Cl -1'
GLC D-saccharide, alpha linking alpha-D-glucopyranose 'C6 H12 O6'
NA non-polymer 'SODIUM ION' 'Na 1'
NH2 non-polymer 'AMINO GROUP' 'H2 N'
TRS non-polymer 2-AMINO-2-HYDROXYMETHYL-PROPANE-1,3-DIOL 'C4 H12 N O3 1'
#
# COMPACT_ATOMS: atom_id res chain seq x y z
N ALA A 10 55.97 -30.52 28.95
CA ALA A 10 55.56 -29.38 29.80
C ALA A 10 54.05 -29.15 29.69
N ILE A 11 53.52 -29.24 28.46
CA ILE A 11 52.13 -28.90 28.16
C ILE A 11 51.18 -29.96 28.75
N PRO A 12 51.38 -31.28 28.54
CA PRO A 12 50.45 -32.28 29.08
C PRO A 12 50.51 -32.40 30.61
N GLU A 13 51.65 -32.04 31.20
CA GLU A 13 51.80 -32.03 32.65
C GLU A 13 50.87 -31.00 33.27
N LEU A 14 50.85 -29.80 32.68
CA LEU A 14 50.06 -28.69 33.21
C LEU A 14 48.57 -28.90 32.90
N THR A 15 48.26 -29.59 31.79
CA THR A 15 46.87 -29.90 31.41
C THR A 15 46.23 -30.87 32.40
N LYS A 16 47.04 -31.77 32.97
CA LYS A 16 46.62 -32.69 34.01
C LYS A 16 46.37 -31.94 35.33
N LEU A 17 47.16 -30.89 35.61
CA LEU A 17 47.01 -30.08 36.80
C LEU A 17 45.84 -29.10 36.69
N LEU A 18 45.44 -28.75 35.46
CA LEU A 18 44.28 -27.88 35.22
C LEU A 18 42.97 -28.64 35.44
N ASN A 19 43.00 -29.96 35.23
CA ASN A 19 41.83 -30.81 35.40
C ASN A 19 41.86 -31.51 36.76
N ASP A 20 42.47 -30.89 37.78
CA ASP A 20 42.58 -31.51 39.09
C ASP A 20 41.31 -31.27 39.88
N GLU A 21 40.97 -32.21 40.78
CA GLU A 21 39.80 -32.08 41.63
C GLU A 21 40.03 -31.06 42.74
N ASP A 22 41.29 -30.89 43.17
CA ASP A 22 41.66 -29.85 44.13
C ASP A 22 41.85 -28.55 43.37
N GLN A 23 41.11 -27.50 43.74
CA GLN A 23 41.15 -26.23 43.02
C GLN A 23 42.43 -25.46 43.33
N VAL A 24 43.07 -25.75 44.47
CA VAL A 24 44.34 -25.13 44.83
C VAL A 24 45.39 -25.49 43.78
N VAL A 25 45.47 -26.79 43.45
CA VAL A 25 46.40 -27.30 42.44
C VAL A 25 46.17 -26.62 41.08
N VAL A 26 44.88 -26.40 40.77
CA VAL A 26 44.43 -25.75 39.54
C VAL A 26 44.89 -24.29 39.51
N ASN A 27 44.76 -23.60 40.65
CA ASN A 27 45.11 -22.17 40.75
C ASN A 27 46.61 -21.96 40.48
N LYS A 28 47.44 -22.88 40.99
CA LYS A 28 48.88 -22.79 40.84
C LYS A 28 49.29 -23.09 39.40
N ALA A 29 48.57 -24.02 38.74
CA ALA A 29 48.82 -24.38 37.35
C ALA A 29 48.41 -23.27 36.39
N ALA A 30 47.45 -22.43 36.78
CA ALA A 30 46.97 -21.33 35.94
C ALA A 30 48.02 -20.22 35.82
N VAL A 31 48.74 -19.95 36.91
CA VAL A 31 49.77 -18.90 36.96
C VAL A 31 50.96 -19.32 36.08
N MET A 32 51.25 -20.62 36.03
CA MET A 32 52.36 -21.16 35.26
C MET A 32 52.06 -21.07 33.77
N VAL A 33 50.83 -21.44 33.35
CA VAL A 33 50.44 -21.43 31.95
C VAL A 33 50.47 -20.00 31.39
N HIS A 34 50.17 -19.00 32.24
CA HIS A 34 50.15 -17.61 31.84
C HIS A 34 51.54 -17.11 31.47
N GLN A 35 52.53 -17.38 32.34
CA GLN A 35 53.90 -16.93 32.12
C GLN A 35 54.48 -17.55 30.84
N LEU A 36 53.99 -18.75 30.49
CA LEU A 36 54.42 -19.45 29.28
C LEU A 36 53.82 -18.81 28.04
N SER A 37 52.63 -18.19 28.17
CA SER A 37 52.00 -17.51 27.06
C SER A 37 52.71 -16.20 26.72
N LYS A 38 53.64 -15.78 27.59
CA LYS A 38 54.35 -14.51 27.42
C LYS A 38 55.57 -14.67 26.52
N LYS A 39 56.03 -15.92 26.26
CA LYS A 39 57.15 -16.19 25.37
C LYS A 39 56.68 -16.96 24.14
N GLU A 40 57.32 -16.73 22.99
CA GLU A 40 56.86 -17.21 21.69
C GLU A 40 57.00 -18.73 21.56
N ALA A 41 58.07 -19.31 22.14
CA ALA A 41 58.33 -20.73 22.01
C ALA A 41 57.28 -21.53 22.78
N SER A 42 57.00 -21.09 24.02
CA SER A 42 56.07 -21.77 24.90
C SER A 42 54.61 -21.41 24.56
N ARG A 43 54.40 -20.31 23.84
CA ARG A 43 53.07 -19.91 23.41
C ARG A 43 52.57 -20.81 22.29
N HIS A 44 53.44 -21.11 21.32
CA HIS A 44 53.09 -21.97 20.19
C HIS A 44 52.85 -23.40 20.66
N ALA A 45 53.50 -23.80 21.76
CA ALA A 45 53.29 -25.10 22.38
C ALA A 45 51.86 -25.23 22.94
N ILE A 46 51.37 -24.16 23.56
CA ILE A 46 50.03 -24.10 24.14
C ILE A 46 48.98 -24.13 23.02
N MET A 47 49.25 -23.42 21.91
CA MET A 47 48.31 -23.29 20.80
C MET A 47 48.22 -24.58 19.98
N ARG A 48 49.30 -25.36 19.94
CA ARG A 48 49.35 -26.59 19.15
C ARG A 48 48.52 -27.69 19.81
N SER A 49 48.29 -27.59 21.13
CA SER A 49 47.56 -28.60 21.90
C SER A 49 46.09 -28.22 22.02
N PRO A 50 45.14 -28.90 21.33
CA PRO A 50 43.71 -28.60 21.49
C PRO A 50 43.08 -29.07 22.80
N GLN A 51 43.87 -29.80 23.61
CA GLN A 51 43.46 -30.31 24.90
C GLN A 51 43.83 -29.32 26.01
N MET A 52 44.94 -28.60 25.85
CA MET A 52 45.38 -27.59 26.79
C MET A 52 44.47 -26.35 26.72
N VAL A 53 44.11 -25.96 25.48
CA VAL A 53 43.31 -24.76 25.27
C VAL A 53 41.90 -25.02 25.80
N SER A 54 41.41 -26.27 25.73
CA SER A 54 40.11 -26.63 26.27
C SER A 54 40.10 -26.52 27.80
N ALA A 55 41.26 -26.76 28.43
CA ALA A 55 41.40 -26.73 29.88
C ALA A 55 41.45 -25.30 30.39
N ILE A 56 42.10 -24.40 29.65
CA ILE A 56 42.22 -22.99 30.02
C ILE A 56 40.84 -22.33 29.98
N VAL A 57 40.03 -22.70 28.96
CA VAL A 57 38.69 -22.18 28.76
C VAL A 57 37.76 -22.66 29.88
N ARG A 58 37.87 -23.94 30.23
CA ARG A 58 37.06 -24.55 31.28
C ARG A 58 37.44 -23.99 32.65
N THR A 59 38.75 -23.77 32.89
CA THR A 59 39.25 -23.20 34.12
C THR A 59 38.67 -21.79 34.32
N MET A 60 38.70 -20.99 33.25
CA MET A 60 38.25 -19.62 33.26
C MET A 60 36.76 -19.52 33.62
N GLN A 61 35.95 -20.32 32.94
CA GLN A 61 34.49 -20.28 33.06
C GLN A 61 34.04 -20.75 34.44
N ASN A 62 34.78 -21.71 35.04
CA ASN A 62 34.36 -22.31 36.30
C ASN A 62 35.06 -21.74 37.55
N THR A 63 36.15 -20.96 37.40
CA THR A 63 36.91 -20.49 38.56
C THR A 63 36.10 -19.46 39.35
N ASN A 64 36.30 -19.45 40.68
CA ASN A 64 35.77 -18.42 41.57
C ASN A 64 36.91 -17.60 42.19
N ASP A 65 38.10 -17.70 41.59
CA ASP A 65 39.32 -17.09 42.11
C ASP A 65 39.73 -15.96 41.18
N VAL A 66 39.98 -14.78 41.76
CA VAL A 66 40.22 -13.54 41.01
C VAL A 66 41.49 -13.67 40.15
N GLU A 67 42.54 -14.31 40.69
CA GLU A 67 43.80 -14.46 39.99
C GLU A 67 43.70 -15.48 38.86
N THR A 68 42.98 -16.59 39.07
CA THR A 68 42.86 -17.63 38.05
C THR A 68 42.05 -17.11 36.86
N ALA A 69 41.05 -16.27 37.13
CA ALA A 69 40.25 -15.66 36.07
C ALA A 69 41.11 -14.69 35.25
N ARG A 70 42.00 -13.94 35.93
CA ARG A 70 42.89 -12.98 35.29
C ARG A 70 43.95 -13.68 34.44
N CYS A 71 44.46 -14.82 34.95
CA CYS A 71 45.54 -15.56 34.29
C CYS A 71 45.03 -16.37 33.10
N THR A 72 43.83 -16.98 33.22
CA THR A 72 43.25 -17.75 32.14
C THR A 72 42.74 -16.83 31.02
N ALA A 73 42.19 -15.66 31.38
CA ALA A 73 41.75 -14.68 30.41
C ALA A 73 42.93 -13.98 29.75
N GLY A 74 43.99 -13.75 30.52
CA GLY A 74 45.23 -13.15 30.02
C GLY A 74 45.93 -14.09 29.03
N THR A 75 45.88 -15.39 29.32
CA THR A 75 46.46 -16.43 28.47
C THR A 75 45.74 -16.44 27.12
N LEU A 76 44.40 -16.45 27.16
CA LEU A 76 43.59 -16.47 25.93
C LEU A 76 43.80 -15.19 25.13
N HIS A 77 44.06 -14.06 25.80
CA HIS A 77 44.35 -12.81 25.12
C HIS A 77 45.63 -12.92 24.31
N ASN A 78 46.66 -13.56 24.87
CA ASN A 78 47.94 -13.72 24.19
C ASN A 78 47.81 -14.61 22.95
N LEU A 79 46.89 -15.59 22.98
CA LEU A 79 46.66 -16.49 21.85
C LEU A 79 45.96 -15.76 20.72
N SER A 80 45.10 -14.77 21.05
CA SER A 80 44.29 -14.04 20.09
C SER A 80 45.14 -13.16 19.18
N HIS A 81 46.44 -13.04 19.47
CA HIS A 81 47.38 -12.30 18.64
C HIS A 81 47.76 -13.07 17.37
N HIS A 82 47.45 -14.38 17.30
CA HIS A 82 47.85 -15.25 16.22
C HIS A 82 46.63 -15.96 15.63
N ARG A 83 46.72 -16.31 14.34
CA ARG A 83 45.64 -16.99 13.62
C ARG A 83 45.39 -18.38 14.20
N GLU A 84 46.45 -19.06 14.68
CA GLU A 84 46.32 -20.41 15.23
C GLU A 84 45.61 -20.35 16.59
N GLY A 85 45.92 -19.33 17.38
CA GLY A 85 45.32 -19.15 18.70
C GLY A 85 43.87 -18.70 18.61
N LEU A 86 43.56 -17.81 17.66
CA LEU A 86 42.21 -17.35 17.40
C LEU A 86 41.30 -18.54 17.04
N LEU A 87 41.85 -19.50 16.26
CA LEU A 87 41.12 -20.69 15.86
C LEU A 87 40.98 -21.65 17.05
N ALA A 88 41.98 -21.66 17.94
CA ALA A 88 41.98 -22.50 19.13
C ALA A 88 40.89 -22.07 20.10
N ILE A 89 40.80 -20.77 20.37
CA ILE A 89 39.82 -20.22 21.30
C ILE A 89 38.41 -20.42 20.74
N PHE A 90 38.26 -20.38 19.41
CA PHE A 90 36.96 -20.52 18.75
C PHE A 90 36.49 -21.97 18.85
N LYS A 91 37.38 -22.93 18.53
CA LYS A 91 37.02 -24.33 18.51
C LYS A 91 36.92 -24.93 19.91
N SER A 92 37.56 -24.30 20.91
CA SER A 92 37.56 -24.77 22.28
C SER A 92 36.35 -24.23 23.06
N GLY A 93 35.47 -23.48 22.40
CA GLY A 93 34.27 -22.93 23.02
C GLY A 93 34.60 -21.77 23.96
N GLY A 94 35.61 -20.98 23.61
CA GLY A 94 36.13 -19.92 24.46
C GLY A 94 35.29 -18.65 24.40
N ILE A 95 34.52 -18.48 23.32
CA ILE A 95 33.74 -17.27 23.12
C ILE A 95 32.66 -17.15 24.20
N PRO A 96 31.81 -18.18 24.49
CA PRO A 96 30.84 -18.06 25.57
C PRO A 96 31.47 -17.91 26.95
N ALA A 97 32.67 -18.49 27.14
CA ALA A 97 33.41 -18.35 28.39
C ALA A 97 33.85 -16.89 28.56
N LEU A 98 34.36 -16.29 27.49
CA LEU A 98 34.80 -14.90 27.49
C LEU A 98 33.61 -13.96 27.73
N VAL A 99 32.46 -14.31 27.15
CA VAL A 99 31.26 -13.50 27.31
C VAL A 99 30.87 -13.46 28.80
N LYS A 100 31.01 -14.61 29.49
CA LYS A 100 30.70 -14.68 30.91
C LYS A 100 31.59 -13.72 31.70
N MET A 101 32.86 -13.60 31.27
CA MET A 101 33.83 -12.76 31.96
C MET A 101 33.49 -11.27 31.81
N LEU A 102 32.50 -10.92 30.97
CA LEU A 102 32.12 -9.53 30.79
C LEU A 102 31.36 -9.01 32.01
N GLY A 103 30.76 -9.92 32.79
CA GLY A 103 30.08 -9.54 34.02
C GLY A 103 31.02 -9.46 35.22
N SER A 104 32.33 -9.43 34.98
CA SER A 104 33.32 -9.53 36.05
C SER A 104 33.50 -8.20 36.75
N PRO A 105 33.40 -8.15 38.11
CA PRO A 105 33.64 -6.91 38.85
C PRO A 105 35.11 -6.49 38.91
N VAL A 106 36.01 -7.38 38.46
CA VAL A 106 37.44 -7.10 38.39
C VAL A 106 37.75 -6.54 37.00
N ASP A 107 38.37 -5.36 36.96
CA ASP A 107 38.63 -4.64 35.73
C ASP A 107 39.58 -5.42 34.83
N SER A 108 40.65 -6.00 35.40
CA SER A 108 41.66 -6.67 34.58
C SER A 108 41.04 -7.85 33.82
N VAL A 109 40.09 -8.55 34.43
CA VAL A 109 39.41 -9.68 33.80
C VAL A 109 38.54 -9.16 32.64
N LEU A 110 37.82 -8.07 32.91
CA LEU A 110 36.97 -7.41 31.92
C LEU A 110 37.79 -6.94 30.71
N PHE A 111 38.97 -6.36 30.96
CA PHE A 111 39.77 -5.79 29.88
C PHE A 111 40.39 -6.89 29.03
N TYR A 112 40.71 -8.05 29.62
CA TYR A 112 41.23 -9.19 28.87
C TYR A 112 40.13 -9.75 27.97
N ALA A 113 38.91 -9.85 28.50
CA ALA A 113 37.78 -10.44 27.81
C ALA A 113 37.33 -9.57 26.63
N ILE A 114 37.19 -8.25 26.85
CA ILE A 114 36.67 -7.36 25.81
C ILE A 114 37.67 -7.26 24.65
N THR A 115 38.98 -7.24 24.96
CA THR A 115 40.00 -7.12 23.93
C THR A 115 40.14 -8.43 23.15
N THR A 116 40.05 -9.57 23.85
CA THR A 116 40.12 -10.87 23.22
C THR A 116 38.93 -11.06 22.27
N LEU A 117 37.74 -10.64 22.73
CA LEU A 117 36.53 -10.76 21.94
C LEU A 117 36.62 -9.82 20.73
N HIS A 118 37.25 -8.65 20.93
CA HIS A 118 37.49 -7.70 19.85
C HIS A 118 38.33 -8.38 18.75
N ASN A 119 39.44 -9.00 19.16
CA ASN A 119 40.34 -9.69 18.26
C ASN A 119 39.63 -10.82 17.50
N LEU A 120 38.75 -11.57 18.19
CA LEU A 120 38.00 -12.66 17.61
C LEU A 120 36.98 -12.13 16.59
N LEU A 121 36.37 -10.99 16.89
CA LEU A 121 35.37 -10.38 16.02
C LEU A 121 36.05 -9.77 14.78
N LEU A 122 37.28 -9.29 14.95
CA LEU A 122 38.06 -8.67 13.88
C LEU A 122 38.57 -9.71 12.87
N HIS A 123 39.18 -10.82 13.33
CA HIS A 123 39.95 -11.67 12.43
C HIS A 123 39.48 -13.12 12.35
N GLN A 124 38.57 -13.57 13.24
CA GLN A 124 38.22 -14.99 13.30
C GLN A 124 36.82 -15.22 12.71
N GLU A 125 36.74 -16.14 11.73
CA GLU A 125 35.48 -16.51 11.11
C GLU A 125 34.61 -17.29 12.10
N GLY A 126 33.29 -17.05 12.02
CA GLY A 126 32.33 -17.73 12.87
C GLY A 126 32.09 -17.02 14.21
N ALA A 127 32.93 -16.04 14.55
CA ALA A 127 32.94 -15.44 15.89
C ALA A 127 31.76 -14.50 16.11
N LYS A 128 31.32 -13.80 15.07
CA LYS A 128 30.21 -12.86 15.18
C LYS A 128 28.93 -13.59 15.57
N MET A 129 28.71 -14.78 14.98
CA MET A 129 27.55 -15.59 15.28
C MET A 129 27.64 -16.17 16.69
N ALA A 130 28.86 -16.60 17.06
CA ALA A 130 29.11 -17.20 18.37
C ALA A 130 28.88 -16.21 19.50
N VAL A 131 29.24 -14.94 19.30
CA VAL A 131 29.10 -13.91 20.33
C VAL A 131 27.61 -13.57 20.50
N ARG A 132 26.86 -13.50 19.40
CA ARG A 132 25.43 -13.24 19.48
C ARG A 132 24.73 -14.34 20.28
N LEU A 133 25.07 -15.61 19.98
CA LEU A 133 24.43 -16.77 20.60
C LEU A 133 24.79 -16.88 22.07
N ALA A 134 25.96 -16.37 22.47
CA ALA A 134 26.39 -16.41 23.86
C ALA A 134 25.80 -15.26 24.69
N GLY A 135 24.93 -14.45 24.09
CA GLY A 135 24.29 -13.33 24.78
C GLY A 135 25.21 -12.12 24.91
N GLY A 136 26.18 -11.99 24.00
CA GLY A 136 27.25 -10.99 24.12
C GLY A 136 26.74 -9.57 23.94
N LEU A 137 25.78 -9.39 23.02
CA LEU A 137 25.25 -8.07 22.67
C LEU A 137 24.65 -7.38 23.89
N GLN A 138 23.84 -8.11 24.66
CA GLN A 138 23.12 -7.54 25.80
C GLN A 138 24.13 -7.14 26.87
N LYS A 139 25.18 -7.95 27.07
CA LYS A 139 26.17 -7.67 28.08
C LYS A 139 26.97 -6.43 27.69
N MET A 140 27.29 -6.31 26.40
CA MET A 140 28.07 -5.19 25.89
C MET A 140 27.29 -3.89 25.99
N VAL A 141 25.98 -3.90 25.64
CA VAL A 141 25.18 -2.70 25.71
C VAL A 141 25.09 -2.24 27.17
N ALA A 142 24.98 -3.19 28.11
CA ALA A 142 24.87 -2.89 29.53
C ALA A 142 26.11 -2.19 30.05
N LEU A 143 27.28 -2.52 29.50
CA LEU A 143 28.56 -1.94 29.91
C LEU A 143 28.74 -0.51 29.41
N LEU A 144 27.81 0.03 28.61
CA LEU A 144 27.96 1.38 28.08
C LEU A 144 27.75 2.44 29.16
N ASN A 145 27.46 2.02 30.40
CA ASN A 145 27.36 2.94 31.52
C ASN A 145 28.72 3.12 32.20
N LYS A 146 29.72 2.30 31.86
CA LYS A 146 31.09 2.49 32.35
C LYS A 146 31.60 3.85 31.90
N THR A 147 32.65 4.37 32.56
CA THR A 147 33.11 5.73 32.32
C THR A 147 34.55 5.77 31.81
N ASN A 148 35.17 4.59 31.62
CA ASN A 148 36.49 4.50 31.02
C ASN A 148 36.35 4.65 29.51
N VAL A 149 36.85 5.75 28.94
CA VAL A 149 36.63 6.08 27.54
C VAL A 149 37.34 5.10 26.61
N LYS A 150 38.46 4.51 27.06
CA LYS A 150 39.20 3.56 26.24
C LYS A 150 38.47 2.23 26.20
N PHE A 151 37.89 1.82 27.34
CA PHE A 151 37.07 0.61 27.39
C PHE A 151 35.82 0.79 26.56
N LEU A 152 35.18 1.97 26.68
CA LEU A 152 33.99 2.30 25.93
C LEU A 152 34.28 2.25 24.43
N ALA A 153 35.48 2.68 24.01
CA ALA A 153 35.83 2.68 22.59
C ALA A 153 35.94 1.25 22.04
N ILE A 154 36.42 0.31 22.86
CA ILE A 154 36.56 -1.08 22.43
C ILE A 154 35.18 -1.72 22.36
N THR A 155 34.35 -1.46 23.40
CA THR A 155 33.04 -2.06 23.52
C THR A 155 32.15 -1.61 22.36
N THR A 156 32.15 -0.30 22.06
CA THR A 156 31.34 0.24 20.98
C THR A 156 31.82 -0.34 19.65
N ASP A 157 33.12 -0.56 19.47
CA ASP A 157 33.61 -1.11 18.22
C ASP A 157 33.14 -2.56 18.05
N CYS A 158 33.06 -3.32 19.15
CA CYS A 158 32.52 -4.66 19.14
C CYS A 158 31.07 -4.64 18.68
N LEU A 159 30.29 -3.67 19.17
CA LEU A 159 28.90 -3.53 18.79
C LEU A 159 28.78 -3.21 17.31
N GLN A 160 29.74 -2.44 16.76
CA GLN A 160 29.71 -2.09 15.35
C GLN A 160 29.94 -3.35 14.50
N ILE A 161 30.94 -4.15 14.86
CA ILE A 161 31.25 -5.38 14.14
C ILE A 161 30.03 -6.31 14.16
N LEU A 162 29.40 -6.45 15.33
CA LEU A 162 28.27 -7.35 15.51
C LEU A 162 27.02 -6.86 14.79
N ALA A 163 26.81 -5.54 14.73
CA ALA A 163 25.59 -4.99 14.16
C ALA A 163 25.69 -4.90 12.64
N TYR A 164 26.91 -4.74 12.11
CA TYR A 164 27.08 -4.54 10.68
C TYR A 164 26.54 -5.75 9.90
N GLY A 165 25.63 -5.47 8.96
CA GLY A 165 25.05 -6.48 8.08
C GLY A 165 24.25 -7.54 8.82
N ASN A 166 23.69 -7.21 9.99
CA ASN A 166 23.00 -8.19 10.81
C ASN A 166 21.78 -7.55 11.49
N GLN A 167 20.61 -7.61 10.84
CA GLN A 167 19.42 -6.91 11.33
C GLN A 167 18.98 -7.51 12.67
N GLU A 168 19.30 -8.79 12.92
CA GLU A 168 18.99 -9.45 14.18
C GLU A 168 19.68 -8.73 15.33
N SER A 169 20.99 -8.50 15.18
CA SER A 169 21.79 -7.84 16.22
C SER A 169 21.31 -6.41 16.42
N LYS A 170 20.94 -5.73 15.34
CA LYS A 170 20.46 -4.36 15.42
C LYS A 170 19.23 -4.31 16.32
N LEU A 171 18.32 -5.28 16.15
CA LEU A 171 17.08 -5.33 16.91
C LEU A 171 17.36 -5.60 18.39
N ILE A 172 18.39 -6.42 18.68
CA ILE A 172 18.78 -6.70 20.06
C ILE A 172 19.36 -5.45 20.71
N ILE A 173 20.22 -4.72 19.98
CA ILE A 173 20.80 -3.51 20.51
C ILE A 173 19.69 -2.51 20.86
N LEU A 174 18.64 -2.45 20.02
CA LEU A 174 17.50 -1.56 20.24
C LEU A 174 16.75 -1.94 21.53
N ALA A 175 16.48 -3.25 21.70
CA ALA A 175 15.72 -3.75 22.82
C ALA A 175 16.47 -3.51 24.14
N SER A 176 17.80 -3.49 24.09
CA SER A 176 18.63 -3.35 25.28
C SER A 176 18.91 -1.88 25.63
N GLY A 177 18.24 -0.95 24.95
CA GLY A 177 18.41 0.48 25.23
C GLY A 177 19.69 1.05 24.59
N GLY A 178 20.13 0.40 23.50
CA GLY A 178 21.36 0.77 22.80
C GLY A 178 21.34 2.23 22.31
N PRO A 179 20.31 2.68 21.55
CA PRO A 179 20.25 4.05 21.07
C PRO A 179 20.48 5.12 22.14
N GLN A 180 19.81 4.98 23.28
CA GLN A 180 19.89 6.00 24.32
C GLN A 180 21.31 6.02 24.88
N ALA A 181 21.89 4.84 25.12
CA ALA A 181 23.24 4.74 25.67
C ALA A 181 24.29 5.31 24.71
N LEU A 182 24.10 5.11 23.40
CA LEU A 182 25.06 5.59 22.41
C LEU A 182 24.95 7.10 22.27
N VAL A 183 23.74 7.65 22.30
CA VAL A 183 23.53 9.09 22.20
C VAL A 183 24.15 9.78 23.42
N ASN A 184 24.05 9.14 24.60
CA ASN A 184 24.62 9.67 25.84
C ASN A 184 26.13 9.84 25.68
N ILE A 185 26.80 8.82 25.13
CA ILE A 185 28.23 8.90 24.89
C ILE A 185 28.58 10.12 24.04
N MET A 186 27.79 10.39 22.98
CA MET A 186 28.06 11.50 22.07
C MET A 186 27.85 12.86 22.76
N ARG A 187 27.07 12.89 23.85
CA ARG A 187 26.79 14.11 24.58
C ARG A 187 27.74 14.31 25.76
N THR A 188 28.42 13.24 26.20
CA THR A 188 29.15 13.20 27.47
C THR A 188 30.66 13.28 27.27
N TYR A 189 31.22 12.59 26.25
CA TYR A 189 32.67 12.51 26.10
C TYR A 189 33.15 13.40 24.95
N THR A 190 34.47 13.66 24.95
CA THR A 190 35.16 14.39 23.88
C THR A 190 36.30 13.56 23.30
N TYR A 191 36.55 12.38 23.86
CA TYR A 191 37.63 11.51 23.42
C TYR A 191 37.32 11.05 22.00
N GLU A 192 38.11 11.53 21.02
CA GLU A 192 37.83 11.38 19.61
C GLU A 192 37.59 9.92 19.23
N LYS A 193 38.50 9.02 19.64
CA LYS A 193 38.43 7.63 19.22
C LYS A 193 37.10 7.02 19.63
N LEU A 194 36.59 7.41 20.82
CA LEU A 194 35.31 6.92 21.32
C LEU A 194 34.15 7.53 20.53
N LEU A 195 34.20 8.84 20.28
CA LEU A 195 33.15 9.52 19.53
C LEU A 195 32.99 8.91 18.14
N TRP A 196 34.13 8.59 17.52
CA TRP A 196 34.17 8.04 16.18
C TRP A 196 33.60 6.61 16.15
N THR A 197 34.00 5.76 17.10
CA THR A 197 33.49 4.38 17.09
C THR A 197 32.00 4.40 17.41
N THR A 198 31.56 5.28 18.32
CA THR A 198 30.16 5.34 18.69
C THR A 198 29.33 5.83 17.50
N SER A 199 29.88 6.78 16.73
CA SER A 199 29.17 7.31 15.57
C SER A 199 29.03 6.23 14.49
N ARG A 200 30.00 5.30 14.42
CA ARG A 200 29.94 4.20 13.45
C ARG A 200 28.82 3.23 13.82
N VAL A 201 28.62 2.97 15.12
CA VAL A 201 27.54 2.13 15.58
C VAL A 201 26.20 2.79 15.22
N LEU A 202 26.08 4.09 15.51
CA LEU A 202 24.86 4.81 15.21
C LEU A 202 24.61 4.82 13.70
N LYS A 203 25.67 4.90 12.88
CA LYS A 203 25.53 4.88 11.44
C LYS A 203 24.89 3.57 10.98
N VAL A 204 25.43 2.44 11.47
CA VAL A 204 24.91 1.11 11.17
C VAL A 204 23.44 1.00 11.59
N LEU A 205 23.10 1.51 12.78
CA LEU A 205 21.75 1.42 13.30
C LEU A 205 20.81 2.36 12.55
N SER A 206 21.33 3.42 11.92
CA SER A 206 20.49 4.46 11.36
C SER A 206 19.85 4.02 10.03
N VAL A 207 20.28 2.90 9.43
CA VAL A 207 19.60 2.38 8.26
C VAL A 207 18.48 1.42 8.67
N CYS A 208 18.38 1.06 9.96
CA CYS A 208 17.35 0.19 10.50
C CYS A 208 16.07 0.97 10.76
N SER A 209 14.95 0.52 10.17
CA SER A 209 13.67 1.20 10.25
C SER A 209 13.12 1.25 11.67
N SER A 210 13.61 0.37 12.56
CA SER A 210 13.14 0.33 13.95
C SER A 210 14.02 1.20 14.83
N ASN A 211 15.34 1.12 14.62
CA ASN A 211 16.32 1.86 15.39
C ASN A 211 16.25 3.35 15.08
N LYS A 212 15.83 3.72 13.86
CA LYS A 212 15.91 5.10 13.40
C LYS A 212 15.02 6.01 14.25
N PRO A 213 13.71 5.73 14.44
CA PRO A 213 12.87 6.58 15.30
C PRO A 213 13.33 6.62 16.75
N ALA A 214 13.96 5.54 17.22
CA ALA A 214 14.45 5.45 18.57
C ALA A 214 15.64 6.38 18.76
N ILE A 215 16.59 6.34 17.82
CA ILE A 215 17.76 7.21 17.88
C ILE A 215 17.32 8.67 17.84
N VAL A 216 16.35 8.99 16.97
CA VAL A 216 15.86 10.36 16.85
C VAL A 216 15.15 10.77 18.15
N GLU A 217 14.39 9.84 18.75
CA GLU A 217 13.68 10.12 19.99
C GLU A 217 14.66 10.34 21.15
N ALA A 218 15.79 9.62 21.14
CA ALA A 218 16.81 9.76 22.16
C ALA A 218 17.57 11.10 22.05
N GLY A 219 17.30 11.88 20.99
CA GLY A 219 17.97 13.15 20.79
C GLY A 219 19.26 13.02 19.96
N GLY A 220 19.27 12.04 19.04
CA GLY A 220 20.45 11.73 18.23
C GLY A 220 20.81 12.82 17.21
N MET A 221 19.83 13.54 16.64
CA MET A 221 20.11 14.57 15.64
C MET A 221 20.94 15.69 16.26
N GLN A 222 20.51 16.13 17.45
CA GLN A 222 21.13 17.25 18.13
C GLN A 222 22.50 16.84 18.65
N ALA A 223 22.59 15.61 19.18
CA ALA A 223 23.84 15.07 19.71
C ALA A 223 24.91 14.99 18.62
N LEU A 224 24.56 14.44 17.45
CA LEU A 224 25.50 14.33 16.34
C LEU A 224 25.89 15.72 15.83
N GLY A 225 24.96 16.68 15.93
CA GLY A 225 25.21 18.05 15.47
C GLY A 225 26.35 18.73 16.25
N LEU A 226 26.57 18.32 17.51
CA LEU A 226 27.60 18.88 18.37
C LEU A 226 28.98 18.74 17.75
N HIS A 227 29.20 17.72 16.92
CA HIS A 227 30.55 17.37 16.50
C HIS A 227 30.83 17.68 15.04
N LEU A 228 30.03 18.56 14.40
CA LEU A 228 30.18 18.81 12.97
C LEU A 228 31.37 19.73 12.68
N THR A 229 31.91 20.43 13.69
CA THR A 229 33.05 21.30 13.48
C THR A 229 34.29 20.77 14.22
N ASP A 230 34.25 19.50 14.64
CA ASP A 230 35.41 18.85 15.23
C ASP A 230 36.51 18.74 14.18
N PRO A 231 37.80 18.97 14.52
CA PRO A 231 38.88 18.86 13.56
C PRO A 231 38.99 17.49 12.89
N SER A 232 38.49 16.44 13.57
CA SER A 232 38.57 15.08 13.04
C SER A 232 37.57 14.90 11.92
N GLN A 233 38.08 14.65 10.71
CA GLN A 233 37.23 14.57 9.53
C GLN A 233 36.48 13.24 9.50
N ARG A 234 37.06 12.18 10.07
CA ARG A 234 36.38 10.89 10.10
C ARG A 234 35.16 10.97 11.02
N LEU A 235 35.27 11.71 12.13
CA LEU A 235 34.15 11.89 13.03
C LEU A 235 33.06 12.74 12.38
N VAL A 236 33.44 13.82 11.71
CA VAL A 236 32.48 14.73 11.08
C VAL A 236 31.68 13.95 10.04
N GLN A 237 32.38 13.19 9.20
CA GLN A 237 31.77 12.50 8.08
C GLN A 237 30.78 11.43 8.57
N ASN A 238 31.16 10.65 9.58
CA ASN A 238 30.27 9.64 10.11
C ASN A 238 29.04 10.30 10.72
N CYS A 239 29.22 11.44 11.38
CA CYS A 239 28.09 12.18 11.94
C CYS A 239 27.16 12.62 10.81
N LEU A 240 27.74 13.06 9.69
CA LEU A 240 26.98 13.56 8.56
C LEU A 240 26.21 12.42 7.90
N TRP A 241 26.85 11.27 7.68
CA TRP A 241 26.19 10.12 7.10
C TRP A 241 25.00 9.67 7.97
N THR A 242 25.22 9.59 9.29
CA THR A 242 24.18 9.13 10.20
C THR A 242 23.04 10.16 10.21
N LEU A 243 23.38 11.44 10.24
CA LEU A 243 22.40 12.53 10.22
C LEU A 243 21.53 12.41 8.97
N ARG A 244 22.14 12.13 7.81
CA ARG A 244 21.39 12.05 6.57
C ARG A 244 20.40 10.89 6.65
N ASN A 245 20.88 9.73 7.12
CA ASN A 245 20.05 8.54 7.29
C ASN A 245 18.86 8.82 8.19
N LEU A 246 19.07 9.56 9.29
CA LEU A 246 18.04 9.80 10.30
C LEU A 246 17.08 10.91 9.87
N SER A 247 17.51 11.79 8.94
CA SER A 247 16.88 13.08 8.77
C SER A 247 15.43 12.98 8.27
N ASP A 248 15.05 11.89 7.59
CA ASP A 248 13.67 11.76 7.11
C ASP A 248 12.69 11.43 8.24
N ALA A 249 13.20 11.10 9.44
CA ALA A 249 12.35 10.77 10.58
C ALA A 249 12.47 11.82 11.68
N ALA A 250 13.02 13.00 11.37
CA ALA A 250 13.27 14.02 12.38
C ALA A 250 12.39 15.25 12.16
N THR A 251 11.21 15.06 11.55
CA THR A 251 10.35 16.14 11.10
C THR A 251 9.75 16.90 12.30
N LYS A 252 9.57 16.21 13.42
CA LYS A 252 8.87 16.80 14.56
C LYS A 252 9.87 17.38 15.57
N GLN A 253 11.17 17.13 15.38
CA GLN A 253 12.19 17.51 16.36
C GLN A 253 12.34 19.03 16.45
N GLU A 254 12.64 19.51 17.66
CA GLU A 254 12.93 20.91 17.92
C GLU A 254 14.33 21.01 18.51
N GLY A 255 14.77 22.25 18.78
CA GLY A 255 16.15 22.50 19.19
C GLY A 255 17.13 22.21 18.04
N MET A 256 16.73 22.55 16.81
CA MET A 256 17.48 22.22 15.61
C MET A 256 18.13 23.46 15.01
N GLU A 257 17.95 24.64 15.61
CA GLU A 257 18.49 25.89 15.08
C GLU A 257 20.00 25.77 14.86
N GLY A 258 20.70 25.22 15.85
CA GLY A 258 22.16 25.14 15.80
C GLY A 258 22.63 24.23 14.67
N LEU A 259 22.02 23.04 14.58
CA LEU A 259 22.33 22.08 13.54
C LEU A 259 22.09 22.69 12.16
N LEU A 260 20.93 23.30 11.96
CA LEU A 260 20.54 23.89 10.68
C LEU A 260 21.56 24.95 10.27
N GLY A 261 22.03 25.77 11.22
CA GLY A 261 23.03 26.80 10.94
C GLY A 261 24.36 26.21 10.49
N THR A 262 24.80 25.13 11.16
CA THR A 262 26.06 24.49 10.83
C THR A 262 25.97 23.87 9.44
N LEU A 263 24.84 23.23 9.12
CA LEU A 263 24.66 22.56 7.84
C LEU A 263 24.80 23.56 6.69
N VAL A 264 24.18 24.74 6.82
CA VAL A 264 24.29 25.78 5.80
C VAL A 264 25.77 26.15 5.60
N GLN A 265 26.51 26.31 6.70
CA GLN A 265 27.93 26.62 6.63
C GLN A 265 28.68 25.52 5.88
N LEU A 266 28.43 24.25 6.20
CA LEU A 266 29.14 23.14 5.59
C LEU A 266 28.89 23.07 4.08
N LEU A 267 27.84 23.74 3.58
CA LEU A 267 27.59 23.78 2.14
C LEU A 267 28.77 24.40 1.38
N GLY A 268 29.55 25.26 2.05
CA GLY A 268 30.68 25.93 1.43
C GLY A 268 31.98 25.12 1.50
N SER A 269 31.93 23.88 2.01
CA SER A 269 33.09 23.03 2.20
C SER A 269 33.72 22.64 0.86
N ASP A 270 35.02 22.32 0.91
CA ASP A 270 35.75 21.84 -0.27
C ASP A 270 35.59 20.33 -0.43
N ASP A 271 35.11 19.66 0.62
CA ASP A 271 34.88 18.23 0.61
C ASP A 271 33.50 17.95 0.02
N ILE A 272 33.46 17.27 -1.13
CA ILE A 272 32.19 17.07 -1.84
C ILE A 272 31.29 16.12 -1.06
N ASN A 273 31.87 15.26 -0.21
CA ASN A 273 31.07 14.38 0.62
C ASN A 273 30.39 15.16 1.74
N VAL A 274 31.07 16.18 2.27
CA VAL A 274 30.51 17.05 3.28
C VAL A 274 29.37 17.85 2.66
N VAL A 275 29.60 18.40 1.47
CA VAL A 275 28.61 19.18 0.75
C VAL A 275 27.39 18.32 0.44
N THR A 276 27.59 17.10 -0.06
CA THR A 276 26.52 16.21 -0.45
C THR A 276 25.61 15.93 0.74
N CYS A 277 26.21 15.61 1.88
CA CYS A 277 25.45 15.24 3.07
C CYS A 277 24.68 16.44 3.62
N ALA A 278 25.32 17.61 3.68
CA ALA A 278 24.67 18.81 4.19
C ALA A 278 23.44 19.14 3.36
N ALA A 279 23.57 19.04 2.03
CA ALA A 279 22.46 19.33 1.13
C ALA A 279 21.32 18.36 1.38
N GLY A 280 21.65 17.07 1.54
CA GLY A 280 20.68 16.02 1.75
C GLY A 280 19.95 16.13 3.09
N ILE A 281 20.70 16.48 4.16
CA ILE A 281 20.09 16.66 5.47
C ILE A 281 19.16 17.87 5.43
N LEU A 282 19.63 18.99 4.84
CA LEU A 282 18.83 20.20 4.74
C LEU A 282 17.56 19.90 3.95
N SER A 283 17.69 19.14 2.86
CA SER A 283 16.54 18.78 2.03
C SER A 283 15.50 18.03 2.86
N ASN A 284 15.94 17.00 3.60
CA ASN A 284 15.02 16.20 4.41
C ASN A 284 14.39 17.01 5.54
N LEU A 285 15.17 17.85 6.21
CA LEU A 285 14.69 18.56 7.38
C LEU A 285 13.76 19.72 6.99
N THR A 286 13.85 20.22 5.76
CA THR A 286 13.00 21.33 5.33
C THR A 286 11.73 20.83 4.66
N CYS A 287 11.66 19.53 4.34
CA CYS A 287 10.48 18.95 3.70
C CYS A 287 9.28 19.10 4.63
N ASN A 288 8.35 19.99 4.25
CA ASN A 288 7.10 20.21 4.96
C ASN A 288 7.28 20.58 6.44
N ASN A 289 8.29 21.39 6.74
CA ASN A 289 8.49 21.88 8.10
C ASN A 289 8.75 23.39 8.02
N TYR A 290 7.68 24.17 8.24
CA TYR A 290 7.71 25.60 7.98
C TYR A 290 8.67 26.33 8.93
N LYS A 291 8.88 25.79 10.13
CA LYS A 291 9.79 26.42 11.09
C LYS A 291 11.24 26.25 10.63
N ASN A 292 11.58 25.05 10.16
CA ASN A 292 12.91 24.75 9.65
C ASN A 292 13.19 25.57 8.38
N LYS A 293 12.18 25.73 7.51
CA LYS A 293 12.31 26.51 6.31
C LYS A 293 12.71 27.95 6.67
N MET A 294 12.04 28.49 7.68
CA MET A 294 12.27 29.82 8.19
C MET A 294 13.71 30.00 8.69
N MET A 295 14.14 29.05 9.54
CA MET A 295 15.47 29.10 10.13
C MET A 295 16.55 29.03 9.03
N VAL A 296 16.40 28.12 8.08
CA VAL A 296 17.40 27.95 7.04
C VAL A 296 17.49 29.20 6.18
N CYS A 297 16.34 29.83 5.89
CA CYS A 297 16.33 31.07 5.12
C CYS A 297 17.01 32.20 5.90
N GLN A 298 16.77 32.25 7.21
CA GLN A 298 17.28 33.33 8.04
C GLN A 298 18.80 33.30 8.15
N VAL A 299 19.43 32.12 8.02
CA VAL A 299 20.88 32.03 8.12
C VAL A 299 21.54 31.94 6.73
N GLY A 300 20.88 32.51 5.72
CA GLY A 300 21.47 32.67 4.40
C GLY A 300 21.44 31.40 3.56
N GLY A 301 20.41 30.55 3.76
CA GLY A 301 20.34 29.24 3.14
C GLY A 301 20.16 29.30 1.63
N ILE A 302 19.40 30.29 1.13
CA ILE A 302 19.11 30.38 -0.30
C ILE A 302 20.42 30.65 -1.05
N GLU A 303 21.14 31.69 -0.61
CA GLU A 303 22.42 32.06 -1.20
C GLU A 303 23.39 30.87 -1.16
N ALA A 304 23.48 30.19 -0.02
CA ALA A 304 24.41 29.08 0.12
C ALA A 304 24.06 27.97 -0.86
N LEU A 305 22.76 27.72 -1.04
CA LEU A 305 22.30 26.61 -1.88
C LEU A 305 22.49 26.92 -3.35
N VAL A 306 22.27 28.18 -3.77
CA VAL A 306 22.45 28.57 -5.16
C VAL A 306 23.94 28.43 -5.52
N ARG A 307 24.83 28.89 -4.65
CA ARG A 307 26.26 28.77 -4.87
C ARG A 307 26.66 27.30 -5.00
N THR A 308 26.07 26.44 -4.17
CA THR A 308 26.33 25.00 -4.19
C THR A 308 25.92 24.42 -5.55
N VAL A 309 24.75 24.84 -6.06
CA VAL A 309 24.26 24.30 -7.33
C VAL A 309 25.19 24.75 -8.45
N LEU A 310 25.62 26.02 -8.41
CA LEU A 310 26.51 26.56 -9.44
C LEU A 310 27.83 25.79 -9.48
N ARG A 311 28.44 25.57 -8.30
CA ARG A 311 29.74 24.93 -8.21
C ARG A 311 29.68 23.45 -8.59
N ALA A 312 28.55 22.79 -8.32
CA ALA A 312 28.42 21.35 -8.50
C ALA A 312 28.40 20.97 -9.98
N GLY A 313 27.91 21.88 -10.83
CA GLY A 313 27.82 21.61 -12.26
C GLY A 313 26.87 20.46 -12.55
N ASP A 314 27.41 19.37 -13.11
CA ASP A 314 26.61 18.23 -13.55
C ASP A 314 26.68 17.07 -12.55
N ARG A 315 27.23 17.32 -11.37
CA ARG A 315 27.26 16.31 -10.31
C ARG A 315 25.90 16.28 -9.63
N GLU A 316 25.08 15.31 -10.04
CA GLU A 316 23.68 15.23 -9.63
C GLU A 316 23.52 14.78 -8.18
N ASP A 317 24.58 14.19 -7.60
CA ASP A 317 24.56 13.78 -6.21
C ASP A 317 24.55 15.02 -5.29
N ILE A 318 24.96 16.17 -5.84
CA ILE A 318 24.94 17.44 -5.12
C ILE A 318 23.70 18.25 -5.53
N THR A 319 23.44 18.37 -6.84
CA THR A 319 22.41 19.28 -7.32
C THR A 319 21.02 18.76 -6.95
N GLU A 320 20.79 17.44 -6.98
CA GLU A 320 19.46 16.93 -6.70
C GLU A 320 19.03 17.34 -5.28
N PRO A 321 19.74 16.98 -4.17
CA PRO A 321 19.34 17.43 -2.85
C PRO A 321 19.29 18.95 -2.67
N ALA A 322 20.20 19.68 -3.31
CA ALA A 322 20.26 21.12 -3.18
C ALA A 322 19.03 21.77 -3.84
N ILE A 323 18.64 21.26 -5.01
CA ILE A 323 17.46 21.73 -5.73
C ILE A 323 16.20 21.37 -4.93
N CSO A 324 16.13 20.17 -4.35
CA CSO A 324 15.01 19.80 -3.48
CB CSO A 324 15.15 18.41 -2.94
SG CSO A 324 14.93 17.10 -4.16
C CSO A 324 14.89 20.77 -2.31
O CSO A 324 13.79 21.20 -1.98
OD CSO A 324 13.32 17.07 -4.49
N ALA A 325 16.01 21.08 -1.65
CA ALA A 325 16.00 22.02 -0.54
C ALA A 325 15.47 23.38 -1.00
N LEU A 326 15.93 23.84 -2.18
CA LEU A 326 15.48 25.11 -2.73
C LEU A 326 13.97 25.10 -2.99
N ARG A 327 13.46 23.95 -3.46
N ARG A 327 13.46 23.95 -3.46
CA ARG A 327 12.03 23.77 -3.71
CA ARG A 327 12.03 23.78 -3.72
C ARG A 327 11.25 23.91 -2.40
C ARG A 327 11.25 23.92 -2.40
N HIS A 328 11.73 23.26 -1.34
CA HIS A 328 11.08 23.34 -0.03
C HIS A 328 11.08 24.77 0.48
N LEU A 329 12.22 25.47 0.35
CA LEU A 329 12.39 26.80 0.90
C LEU A 329 11.62 27.87 0.12
N THR A 330 11.08 27.55 -1.08
CA THR A 330 10.40 28.54 -1.90
C THR A 330 8.88 28.37 -1.85
N SER A 331 8.33 27.72 -0.81
CA SER A 331 6.88 27.57 -0.67
C SER A 331 6.48 27.36 0.79
N ARG A 332 5.27 27.85 1.13
CA ARG A 332 4.52 27.49 2.34
C ARG A 332 5.31 27.76 3.63
N HIS A 333 5.79 29.01 3.77
CA HIS A 333 6.35 29.52 5.02
C HIS A 333 6.36 31.06 4.93
N GLN A 334 6.58 31.72 6.06
CA GLN A 334 6.42 33.16 6.14
C GLN A 334 7.36 33.89 5.17
N GLU A 335 8.59 33.38 4.99
CA GLU A 335 9.59 34.05 4.17
C GLU A 335 9.75 33.37 2.81
N ALA A 336 8.69 32.74 2.30
CA ALA A 336 8.76 32.07 1.00
C ALA A 336 8.93 33.08 -0.13
N GLU A 337 8.18 34.19 -0.10
CA GLU A 337 8.26 35.21 -1.14
C GLU A 337 9.69 35.73 -1.24
N MET A 338 10.28 36.07 -0.09
CA MET A 338 11.63 36.59 -0.04
C MET A 338 12.63 35.57 -0.61
N ALA A 339 12.38 34.28 -0.40
CA ALA A 339 13.25 33.23 -0.88
C ALA A 339 13.15 33.11 -2.41
N GLN A 340 11.92 33.17 -2.94
CA GLN A 340 11.67 33.13 -4.38
C GLN A 340 12.47 34.24 -5.08
N ASN A 341 12.49 35.43 -4.47
CA ASN A 341 13.22 36.57 -4.99
C ASN A 341 14.73 36.36 -4.85
N ALA A 342 15.15 35.80 -3.72
CA ALA A 342 16.57 35.61 -3.42
C ALA A 342 17.22 34.68 -4.43
N VAL A 343 16.48 33.68 -4.93
CA VAL A 343 17.04 32.76 -5.92
C VAL A 343 17.43 33.55 -7.17
N ARG A 344 16.60 34.52 -7.57
CA ARG A 344 16.89 35.36 -8.73
C ARG A 344 18.05 36.30 -8.40
N LEU A 345 17.99 36.96 -7.24
CA LEU A 345 18.98 37.96 -6.86
C LEU A 345 20.36 37.34 -6.70
N HIS A 346 20.46 36.04 -6.36
CA HIS A 346 21.75 35.38 -6.27
C HIS A 346 22.13 34.64 -7.56
N TYR A 347 21.53 35.07 -8.69
CA TYR A 347 21.88 34.66 -10.05
C TYR A 347 21.59 33.18 -10.30
N GLY A 348 20.48 32.68 -9.76
CA GLY A 348 20.16 31.25 -9.78
C GLY A 348 19.27 30.82 -10.96
N LEU A 349 18.54 31.76 -11.59
CA LEU A 349 17.51 31.39 -12.54
C LEU A 349 18.12 30.71 -13.77
N PRO A 350 19.24 31.18 -14.35
CA PRO A 350 19.85 30.50 -15.50
C PRO A 350 20.23 29.05 -15.26
N VAL A 351 20.86 28.77 -14.10
CA VAL A 351 21.35 27.42 -13.82
C VAL A 351 20.14 26.50 -13.58
N VAL A 352 19.07 27.01 -12.96
CA VAL A 352 17.88 26.22 -12.71
C VAL A 352 17.27 25.75 -14.03
N VAL A 353 17.20 26.63 -15.03
CA VAL A 353 16.66 26.22 -16.34
C VAL A 353 17.62 25.25 -17.01
N LYS A 354 18.92 25.44 -16.85
CA LYS A 354 19.92 24.58 -17.48
C LYS A 354 19.72 23.12 -17.06
N LEU A 355 19.33 22.89 -15.79
CA LEU A 355 19.22 21.56 -15.22
C LEU A 355 18.04 20.77 -15.80
N LEU A 356 17.13 21.44 -16.53
CA LEU A 356 16.06 20.77 -17.26
C LEU A 356 16.58 19.99 -18.47
N HIS A 357 17.82 20.26 -18.90
CA HIS A 357 18.37 19.72 -20.13
C HIS A 357 19.34 18.56 -19.86
N PRO A 358 19.62 17.71 -20.86
CA PRO A 358 20.64 16.67 -20.72
C PRO A 358 21.96 17.30 -20.28
N PRO A 359 22.83 16.60 -19.52
CA PRO A 359 22.61 15.18 -19.18
C PRO A 359 21.86 14.81 -17.90
N SER A 360 21.06 15.75 -17.38
CA SER A 360 20.28 15.55 -16.15
C SER A 360 19.39 14.30 -16.26
N HIS A 361 19.40 13.48 -15.20
CA HIS A 361 18.57 12.29 -15.09
C HIS A 361 17.21 12.67 -14.48
N TRP A 362 16.29 11.70 -14.43
CA TRP A 362 14.90 12.01 -14.13
C TRP A 362 14.70 12.54 -12.70
N PRO A 363 15.37 12.03 -11.65
CA PRO A 363 15.19 12.57 -10.31
C PRO A 363 15.47 14.06 -10.22
N LEU A 364 16.55 14.51 -10.89
CA LEU A 364 16.93 15.92 -10.88
C LEU A 364 15.94 16.76 -11.70
N ILE A 365 15.47 16.25 -12.84
CA ILE A 365 14.53 17.00 -13.67
C ILE A 365 13.22 17.22 -12.88
N LYS A 366 12.74 16.17 -12.21
CA LYS A 366 11.52 16.27 -11.43
C LYS A 366 11.64 17.37 -10.38
N ALA A 367 12.77 17.41 -9.66
CA ALA A 367 12.99 18.38 -8.60
C ALA A 367 13.07 19.79 -9.16
N THR A 368 13.77 19.95 -10.30
CA THR A 368 13.98 21.24 -10.94
C THR A 368 12.65 21.83 -11.40
N VAL A 369 11.77 21.00 -11.96
CA VAL A 369 10.47 21.47 -12.41
C VAL A 369 9.65 21.99 -11.22
N GLY A 370 9.65 21.24 -10.11
CA GLY A 370 8.99 21.66 -8.89
C GLY A 370 9.50 23.01 -8.37
N LEU A 371 10.83 23.19 -8.41
CA LEU A 371 11.44 24.44 -8.01
C LEU A 371 10.97 25.58 -8.93
N ILE A 372 10.95 25.36 -10.25
CA ILE A 372 10.53 26.40 -11.17
C ILE A 372 9.07 26.78 -10.90
N ARG A 373 8.23 25.78 -10.62
CA ARG A 373 6.84 26.00 -10.27
C ARG A 373 6.72 26.98 -9.10
N ASN A 374 7.55 26.80 -8.07
CA ASN A 374 7.54 27.70 -6.91
C ASN A 374 8.10 29.08 -7.27
N LEU A 375 9.19 29.12 -8.05
CA LEU A 375 9.81 30.38 -8.46
C LEU A 375 8.79 31.24 -9.19
N ALA A 376 7.95 30.60 -10.01
CA ALA A 376 6.95 31.29 -10.80
C ALA A 376 5.82 31.90 -9.97
N LEU A 377 5.73 31.59 -8.66
CA LEU A 377 4.74 32.21 -7.78
C LEU A 377 5.04 33.71 -7.62
N CYS A 378 6.32 34.07 -7.73
CA CYS A 378 6.81 35.45 -7.61
C CYS A 378 6.81 36.11 -8.99
N PRO A 379 5.95 37.15 -9.21
CA PRO A 379 5.86 37.79 -10.52
C PRO A 379 7.15 38.34 -11.12
N ALA A 380 8.12 38.73 -10.26
CA ALA A 380 9.40 39.24 -10.71
C ALA A 380 10.25 38.15 -11.36
N ASN A 381 9.82 36.88 -11.26
CA ASN A 381 10.51 35.76 -11.88
C ASN A 381 9.86 35.32 -13.20
N HIS A 382 8.68 35.88 -13.54
CA HIS A 382 7.95 35.49 -14.74
C HIS A 382 8.74 35.79 -16.02
N ALA A 383 9.25 37.03 -16.12
CA ALA A 383 9.98 37.45 -17.31
C ALA A 383 11.36 36.78 -17.38
N PRO A 384 12.21 36.77 -16.32
CA PRO A 384 13.50 36.10 -16.40
C PRO A 384 13.37 34.61 -16.73
N LEU A 385 12.37 33.94 -16.15
CA LEU A 385 12.17 32.53 -16.46
C LEU A 385 11.84 32.37 -17.94
N ARG A 386 11.04 33.29 -18.51
CA ARG A 386 10.69 33.24 -19.93
C ARG A 386 11.93 33.44 -20.80
N GLU A 387 12.69 34.50 -20.49
CA GLU A 387 13.86 34.89 -21.27
C GLU A 387 14.93 33.79 -21.23
N GLN A 388 15.00 33.03 -20.14
CA GLN A 388 16.02 32.00 -19.99
C GLN A 388 15.63 30.68 -20.65
N GLY A 389 14.43 30.62 -21.25
CA GLY A 389 14.04 29.48 -22.09
C GLY A 389 13.31 28.38 -21.34
N ALA A 390 12.63 28.71 -20.23
CA ALA A 390 12.00 27.68 -19.40
C ALA A 390 10.77 27.08 -20.07
N ILE A 391 9.97 27.91 -20.76
CA ILE A 391 8.67 27.47 -21.28
C ILE A 391 8.86 26.43 -22.37
N PRO A 392 9.66 26.65 -23.45
CA PRO A 392 9.81 25.63 -24.48
C PRO A 392 10.32 24.28 -23.96
N ARG A 393 11.24 24.31 -22.98
CA ARG A 393 11.79 23.07 -22.45
C ARG A 393 10.75 22.34 -21.59
N LEU A 394 9.97 23.06 -20.79
CA LEU A 394 8.93 22.42 -19.98
C LEU A 394 7.91 21.75 -20.89
N VAL A 395 7.59 22.40 -22.02
CA VAL A 395 6.62 21.87 -22.96
C VAL A 395 7.19 20.62 -23.64
N GLN A 396 8.47 20.63 -24.02
CA GLN A 396 9.08 19.46 -24.65
C GLN A 396 9.10 18.29 -23.68
N LEU A 397 9.45 18.55 -22.42
CA LEU A 397 9.43 17.54 -21.37
C LEU A 397 8.02 16.95 -21.24
N LEU A 398 7.01 17.83 -21.20
CA LEU A 398 5.62 17.42 -21.02
C LEU A 398 5.15 16.56 -22.21
N VAL A 399 5.42 17.01 -23.43
CA VAL A 399 4.93 16.35 -24.64
C VAL A 399 5.47 14.93 -24.69
N ARG A 400 6.77 14.75 -24.43
CA ARG A 400 7.39 13.44 -24.52
C ARG A 400 6.93 12.56 -23.37
N ALA A 401 6.81 13.13 -22.16
CA ALA A 401 6.36 12.37 -20.99
C ALA A 401 4.95 11.82 -21.21
N HIS A 402 4.07 12.65 -21.80
CA HIS A 402 2.71 12.21 -22.09
C HIS A 402 2.70 11.06 -23.08
N GLN A 403 3.50 11.16 -24.15
CA GLN A 403 3.62 10.11 -25.15
C GLN A 403 4.03 8.80 -24.49
N ASP A 404 5.04 8.88 -23.62
CA ASP A 404 5.56 7.71 -22.93
C ASP A 404 4.48 7.03 -22.10
N THR A 405 3.56 7.80 -21.50
CA THR A 405 2.49 7.22 -20.69
C THR A 405 1.44 6.55 -21.59
N GLN A 406 1.16 7.17 -22.75
CA GLN A 406 0.15 6.67 -23.67
C GLN A 406 0.59 5.38 -24.36
N ARG A 407 1.90 5.17 -24.51
CA ARG A 407 2.41 3.96 -25.12
C ARG A 407 2.34 2.79 -24.13
N ARG A 408 2.75 3.05 -22.88
CA ARG A 408 2.81 2.03 -21.84
C ARG A 408 1.40 1.60 -21.39
N PHE A 418 8.81 2.26 -14.06
CA PHE A 418 9.40 3.52 -13.50
C PHE A 418 10.76 3.74 -14.13
N VAL A 419 10.86 4.77 -15.00
CA VAL A 419 12.10 5.11 -15.69
C VAL A 419 13.01 5.88 -14.74
N GLU A 420 14.11 5.24 -14.32
CA GLU A 420 15.06 5.81 -13.37
C GLU A 420 14.36 6.17 -12.06
N GLY A 421 13.44 5.29 -11.62
CA GLY A 421 12.72 5.46 -10.36
C GLY A 421 11.59 6.47 -10.44
N VAL A 422 11.38 7.09 -11.61
CA VAL A 422 10.39 8.15 -11.75
C VAL A 422 9.35 7.72 -12.79
N ARG A 423 8.08 7.88 -12.44
CA ARG A 423 6.99 7.60 -13.35
C ARG A 423 6.76 8.82 -14.24
N MET A 424 6.53 8.60 -15.54
CA MET A 424 6.43 9.71 -16.46
C MET A 424 5.18 10.55 -16.15
N GLU A 425 4.19 9.96 -15.46
CA GLU A 425 3.03 10.70 -14.98
C GLU A 425 3.47 11.86 -14.08
N GLU A 426 4.54 11.67 -13.31
CA GLU A 426 5.03 12.69 -12.38
C GLU A 426 5.60 13.88 -13.16
N ILE A 427 6.20 13.61 -14.32
CA ILE A 427 6.76 14.64 -15.17
C ILE A 427 5.62 15.42 -15.83
N VAL A 428 4.58 14.72 -16.30
CA VAL A 428 3.41 15.35 -16.90
C VAL A 428 2.79 16.33 -15.90
N GLU A 429 2.54 15.86 -14.67
CA GLU A 429 1.91 16.64 -13.63
C GLU A 429 2.78 17.84 -13.25
N GLY A 430 4.07 17.59 -13.04
CA GLY A 430 5.01 18.63 -12.65
C GLY A 430 5.07 19.76 -13.68
N CYS A 431 5.30 19.37 -14.96
CA CYS A 431 5.44 20.34 -16.03
C CYS A 431 4.15 21.12 -16.23
N THR A 432 3.00 20.44 -16.20
CA THR A 432 1.72 21.11 -16.39
C THR A 432 1.49 22.07 -15.22
N GLY A 433 1.88 21.65 -14.01
CA GLY A 433 1.79 22.49 -12.82
C GLY A 433 2.63 23.77 -12.93
N ALA A 434 3.87 23.64 -13.41
CA ALA A 434 4.74 24.79 -13.59
C ALA A 434 4.14 25.74 -14.63
N LEU A 435 3.58 25.17 -15.69
CA LEU A 435 3.01 25.97 -16.77
C LEU A 435 1.77 26.69 -16.28
N HIS A 436 0.98 26.02 -15.43
CA HIS A 436 -0.20 26.61 -14.80
C HIS A 436 0.18 27.89 -14.06
N ILE A 437 1.31 27.87 -13.35
CA ILE A 437 1.72 29.06 -12.59
C ILE A 437 2.31 30.11 -13.54
N LEU A 438 3.13 29.69 -14.52
CA LEU A 438 3.72 30.65 -15.45
C LEU A 438 2.65 31.37 -16.27
N ALA A 439 1.52 30.69 -16.54
CA ALA A 439 0.46 31.26 -17.37
C ALA A 439 -0.27 32.43 -16.68
N ARG A 440 0.18 32.87 -15.51
CA ARG A 440 -0.38 34.04 -14.87
C ARG A 440 0.06 35.33 -15.58
N ASP A 441 1.15 35.26 -16.35
CA ASP A 441 1.68 36.40 -17.08
C ASP A 441 1.17 36.36 -18.53
N VAL A 442 0.83 37.55 -19.07
CA VAL A 442 0.23 37.65 -20.39
C VAL A 442 1.24 37.23 -21.47
N HIS A 443 2.52 37.57 -21.33
CA HIS A 443 3.51 37.24 -22.34
C HIS A 443 3.79 35.74 -22.32
N ASN A 444 3.79 35.13 -21.13
CA ASN A 444 3.98 33.69 -21.00
C ASN A 444 2.85 32.94 -21.70
N ARG A 445 1.61 33.46 -21.64
CA ARG A 445 0.47 32.77 -22.25
C ARG A 445 0.58 32.79 -23.78
N ILE A 446 1.15 33.87 -24.34
CA ILE A 446 1.39 33.97 -25.77
C ILE A 446 2.34 32.85 -26.18
N VAL A 447 3.43 32.70 -25.42
CA VAL A 447 4.44 31.68 -25.71
C VAL A 447 3.83 30.29 -25.59
N ILE A 448 3.12 30.00 -24.50
CA ILE A 448 2.53 28.69 -24.25
C ILE A 448 1.56 28.33 -25.38
N ARG A 449 0.73 29.29 -25.80
CA ARG A 449 -0.27 29.04 -26.83
C ARG A 449 0.40 28.80 -28.18
N GLY A 450 1.45 29.59 -28.48
CA GLY A 450 2.18 29.50 -29.74
C GLY A 450 2.88 28.16 -29.94
N LEU A 451 3.05 27.39 -28.85
CA LEU A 451 3.69 26.08 -28.92
C LEU A 451 2.68 24.96 -29.10
N ASN A 452 1.43 25.30 -29.47
CA ASN A 452 0.39 24.31 -29.76
C ASN A 452 0.21 23.35 -28.58
N THR A 453 -0.04 23.89 -27.38
CA THR A 453 -0.15 23.10 -26.17
C THR A 453 -1.61 22.79 -25.82
N ILE A 454 -2.55 23.58 -26.36
CA ILE A 454 -3.95 23.46 -26.00
C ILE A 454 -4.46 22.06 -26.32
N PRO A 455 -4.22 21.46 -27.52
CA PRO A 455 -4.66 20.08 -27.75
C PRO A 455 -4.20 19.11 -26.66
N LEU A 456 -2.94 19.25 -26.22
CA LEU A 456 -2.39 18.37 -25.20
C LEU A 456 -3.08 18.60 -23.85
N PHE A 457 -3.26 19.88 -23.48
CA PHE A 457 -3.91 20.23 -22.22
C PHE A 457 -5.34 19.67 -22.16
N VAL A 458 -6.05 19.68 -23.30
CA VAL A 458 -7.40 19.15 -23.35
C VAL A 458 -7.37 17.62 -23.22
N GLN A 459 -6.38 16.95 -23.83
CA GLN A 459 -6.25 15.51 -23.70
C GLN A 459 -6.00 15.11 -22.25
N LEU A 460 -5.31 15.97 -21.49
CA LEU A 460 -4.95 15.67 -20.10
C LEU A 460 -6.19 15.67 -19.20
N LEU A 461 -7.29 16.31 -19.64
CA LEU A 461 -8.54 16.30 -18.88
C LEU A 461 -9.04 14.87 -18.71
N TYR A 462 -8.70 13.97 -19.66
CA TYR A 462 -9.12 12.58 -19.63
C TYR A 462 -8.13 11.67 -18.89
N SER A 463 -7.23 12.27 -18.10
CA SER A 463 -6.24 11.50 -17.35
C SER A 463 -6.93 10.79 -16.19
N PRO A 464 -6.59 9.53 -15.86
CA PRO A 464 -7.12 8.89 -14.66
C PRO A 464 -6.67 9.57 -13.37
N ILE A 465 -5.53 10.28 -13.42
CA ILE A 465 -4.95 10.92 -12.24
C ILE A 465 -5.55 12.32 -12.02
N GLU A 466 -6.17 12.51 -10.85
CA GLU A 466 -6.90 13.71 -10.51
C GLU A 466 -6.00 14.94 -10.47
N ASN A 467 -4.77 14.76 -9.97
CA ASN A 467 -3.82 15.86 -9.87
C ASN A 467 -3.46 16.39 -11.26
N ILE A 468 -3.43 15.51 -12.27
CA ILE A 468 -3.13 15.92 -13.63
C ILE A 468 -4.32 16.68 -14.20
N GLN A 469 -5.54 16.20 -13.92
CA GLN A 469 -6.75 16.88 -14.37
C GLN A 469 -6.81 18.28 -13.75
N ARG A 470 -6.34 18.43 -12.51
CA ARG A 470 -6.42 19.71 -11.82
C ARG A 470 -5.47 20.73 -12.47
N VAL A 471 -4.22 20.34 -12.75
CA VAL A 471 -3.25 21.29 -13.29
C VAL A 471 -3.57 21.57 -14.77
N ALA A 472 -4.09 20.57 -15.49
CA ALA A 472 -4.50 20.76 -16.88
C ALA A 472 -5.67 21.73 -16.95
N ALA A 473 -6.65 21.57 -16.05
CA ALA A 473 -7.81 22.45 -16.00
C ALA A 473 -7.39 23.85 -15.57
N GLY A 474 -6.43 23.96 -14.63
CA GLY A 474 -5.92 25.23 -14.18
C GLY A 474 -5.19 26.02 -15.27
N VAL A 475 -4.35 25.34 -16.07
CA VAL A 475 -3.61 26.03 -17.11
C VAL A 475 -4.59 26.47 -18.20
N LEU A 476 -5.61 25.64 -18.53
CA LEU A 476 -6.63 26.02 -19.49
C LEU A 476 -7.43 27.22 -18.98
N CYS A 477 -7.63 27.29 -17.66
CA CYS A 477 -8.38 28.38 -17.04
C CYS A 477 -7.62 29.69 -17.17
N GLU A 478 -6.29 29.67 -16.96
CA GLU A 478 -5.46 30.85 -17.15
C GLU A 478 -5.47 31.31 -18.61
N LEU A 479 -5.38 30.35 -19.56
CA LEU A 479 -5.32 30.66 -20.98
C LEU A 479 -6.64 31.25 -21.48
N ALA A 480 -7.78 30.74 -20.99
CA ALA A 480 -9.10 31.08 -21.52
C ALA A 480 -9.50 32.53 -21.19
N GLN A 481 -8.74 33.22 -20.35
CA GLN A 481 -9.02 34.62 -20.06
C GLN A 481 -8.75 35.52 -21.27
N ASP A 482 -8.08 34.98 -22.31
CA ASP A 482 -7.89 35.66 -23.58
C ASP A 482 -8.84 35.01 -24.59
N LYS A 483 -9.61 35.84 -25.31
CA LYS A 483 -10.74 35.37 -26.11
C LYS A 483 -10.27 34.39 -27.18
N GLU A 484 -9.14 34.68 -27.82
CA GLU A 484 -8.61 33.86 -28.90
C GLU A 484 -8.36 32.43 -28.40
N ALA A 485 -7.78 32.33 -27.19
CA ALA A 485 -7.42 31.05 -26.58
C ALA A 485 -8.67 30.28 -26.17
N ALA A 486 -9.68 30.99 -25.65
CA ALA A 486 -10.94 30.38 -25.25
C ALA A 486 -11.61 29.68 -26.44
N GLU A 487 -11.57 30.32 -27.61
CA GLU A 487 -12.15 29.76 -28.82
C GLU A 487 -11.37 28.51 -29.26
N ALA A 488 -10.04 28.55 -29.14
CA ALA A 488 -9.21 27.40 -29.47
C ALA A 488 -9.50 26.23 -28.52
N ILE A 489 -9.64 26.52 -27.22
CA ILE A 489 -9.96 25.50 -26.23
C ILE A 489 -11.28 24.83 -26.59
N GLU A 490 -12.29 25.63 -26.93
CA GLU A 490 -13.59 25.13 -27.34
C GLU A 490 -13.48 24.32 -28.63
N ALA A 491 -12.70 24.81 -29.60
CA ALA A 491 -12.52 24.13 -30.88
C ALA A 491 -11.95 22.72 -30.69
N GLU A 492 -11.27 22.49 -29.56
CA GLU A 492 -10.64 21.21 -29.27
C GLU A 492 -11.61 20.22 -28.63
N GLY A 493 -12.87 20.64 -28.44
CA GLY A 493 -13.90 19.76 -27.87
C GLY A 493 -13.72 19.58 -26.36
N ALA A 494 -13.42 20.68 -25.66
CA ALA A 494 -13.12 20.63 -24.25
C ALA A 494 -14.39 20.63 -23.40
N THR A 495 -15.52 21.11 -23.94
CA THR A 495 -16.77 21.20 -23.20
C THR A 495 -17.18 19.82 -22.67
N ALA A 496 -17.04 18.78 -23.49
CA ALA A 496 -17.41 17.43 -23.08
C ALA A 496 -16.63 17.00 -21.81
N PRO A 497 -15.28 16.88 -21.80
CA PRO A 497 -14.59 16.49 -20.57
C PRO A 497 -14.87 17.44 -19.40
N LEU A 498 -14.90 18.76 -19.67
CA LEU A 498 -15.08 19.76 -18.63
C LEU A 498 -16.43 19.62 -17.93
N THR A 499 -17.49 19.27 -18.68
CA THR A 499 -18.81 19.14 -18.06
C THR A 499 -18.81 17.96 -17.10
N GLU A 500 -18.20 16.83 -17.53
CA GLU A 500 -18.02 15.66 -16.70
C GLU A 500 -17.22 15.97 -15.43
N LEU A 501 -16.18 16.82 -15.55
CA LEU A 501 -15.30 17.14 -14.43
C LEU A 501 -15.97 18.06 -13.41
N LEU A 502 -17.12 18.68 -13.73
CA LEU A 502 -17.88 19.47 -12.76
C LEU A 502 -18.29 18.61 -11.55
N HIS A 503 -18.34 17.28 -11.75
CA HIS A 503 -18.81 16.34 -10.74
C HIS A 503 -17.63 15.57 -10.11
N SER A 504 -16.41 16.06 -10.30
CA SER A 504 -15.23 15.42 -9.73
C SER A 504 -15.30 15.51 -8.21
N ARG A 505 -14.88 14.43 -7.53
CA ARG A 505 -14.79 14.42 -6.08
C ARG A 505 -13.67 15.33 -5.60
N ASN A 506 -12.81 15.77 -6.54
CA ASN A 506 -11.73 16.71 -6.28
C ASN A 506 -12.26 18.12 -6.52
N GLU A 507 -12.34 18.92 -5.46
CA GLU A 507 -12.97 20.24 -5.50
C GLU A 507 -12.18 21.19 -6.40
N GLY A 508 -10.86 20.99 -6.47
CA GLY A 508 -9.99 21.81 -7.31
C GLY A 508 -10.30 21.63 -8.79
N VAL A 509 -10.41 20.37 -9.23
CA VAL A 509 -10.79 20.04 -10.59
C VAL A 509 -12.11 20.71 -10.95
N ALA A 510 -13.13 20.56 -10.08
CA ALA A 510 -14.49 21.03 -10.33
C ALA A 510 -14.56 22.56 -10.42
N THR A 511 -13.77 23.24 -9.57
CA THR A 511 -13.76 24.69 -9.53
C THR A 511 -13.18 25.23 -10.84
N TYR A 512 -12.04 24.66 -11.28
CA TYR A 512 -11.35 25.07 -12.49
C TYR A 512 -12.21 24.81 -13.73
N ALA A 513 -12.81 23.61 -13.82
CA ALA A 513 -13.63 23.25 -14.98
C ALA A 513 -14.77 24.25 -15.18
N ALA A 514 -15.42 24.67 -14.09
CA ALA A 514 -16.52 25.62 -14.15
C ALA A 514 -16.04 26.97 -14.71
N ALA A 515 -14.83 27.37 -14.29
CA ALA A 515 -14.24 28.63 -14.73
C ALA A 515 -13.90 28.61 -16.23
N VAL A 516 -13.47 27.46 -16.76
CA VAL A 516 -13.13 27.36 -18.18
C VAL A 516 -14.43 27.42 -18.98
N LEU A 517 -15.42 26.60 -18.58
CA LEU A 517 -16.73 26.56 -19.22
C LEU A 517 -17.36 27.96 -19.24
N PHE A 518 -17.16 28.72 -18.16
CA PHE A 518 -17.72 30.06 -18.07
C PHE A 518 -17.10 30.97 -19.14
N ARG A 519 -15.77 30.94 -19.27
CA ARG A 519 -15.05 31.82 -20.21
C ARG A 519 -15.32 31.40 -21.66
N MET A 520 -15.64 30.12 -21.89
CA MET A 520 -15.94 29.66 -23.24
C MET A 520 -17.33 30.12 -23.70
N SER A 521 -18.24 30.39 -22.75
CA SER A 521 -19.58 30.86 -23.07
C SER A 521 -19.66 32.39 -23.13
N GLU A 522 -18.51 33.06 -22.90
CA GLU A 522 -18.36 34.51 -22.97
C GLU A 522 -18.45 35.08 -21.54
N ILE B 11 -21.21 -65.94 -20.88
CA ILE B 11 -20.90 -64.59 -20.34
C ILE B 11 -19.46 -64.22 -20.67
N PRO B 12 -18.43 -65.04 -20.33
CA PRO B 12 -17.04 -64.68 -20.62
C PRO B 12 -16.63 -64.81 -22.08
N GLU B 13 -17.46 -65.49 -22.89
CA GLU B 13 -17.23 -65.67 -24.30
C GLU B 13 -17.27 -64.32 -25.03
N LEU B 14 -18.23 -63.48 -24.63
CA LEU B 14 -18.44 -62.17 -25.24
C LEU B 14 -17.29 -61.22 -24.88
N THR B 15 -16.75 -61.36 -23.66
CA THR B 15 -15.68 -60.50 -23.16
C THR B 15 -14.37 -60.81 -23.89
N LYS B 16 -14.13 -62.10 -24.19
CA LYS B 16 -12.91 -62.51 -24.86
C LYS B 16 -12.98 -62.16 -26.35
N LEU B 17 -14.18 -62.33 -26.94
CA LEU B 17 -14.40 -62.00 -28.34
C LEU B 17 -14.63 -60.49 -28.52
N LEU B 18 -14.24 -59.68 -27.53
CA LEU B 18 -14.31 -58.23 -27.60
C LEU B 18 -12.98 -57.67 -28.10
N ASN B 19 -11.87 -58.33 -27.76
CA ASN B 19 -10.54 -57.87 -28.12
C ASN B 19 -10.05 -58.63 -29.35
N ASP B 20 -10.81 -58.50 -30.45
CA ASP B 20 -10.47 -59.11 -31.73
C ASP B 20 -9.36 -58.31 -32.43
N GLU B 21 -8.83 -58.85 -33.54
CA GLU B 21 -7.58 -58.35 -34.12
C GLU B 21 -7.80 -57.71 -35.50
N ASP B 22 -8.92 -58.03 -36.16
CA ASP B 22 -9.15 -57.60 -37.54
C ASP B 22 -9.56 -56.13 -37.58
N GLN B 23 -9.20 -55.47 -38.68
CA GLN B 23 -9.41 -54.03 -38.90
C GLN B 23 -10.90 -53.66 -38.90
N VAL B 24 -11.79 -54.61 -39.21
CA VAL B 24 -13.23 -54.33 -39.25
C VAL B 24 -14.06 -55.37 -38.48
N VAL B 25 -13.43 -56.37 -37.86
CA VAL B 25 -14.18 -57.45 -37.20
C VAL B 25 -14.73 -56.95 -35.85
N VAL B 26 -14.15 -55.87 -35.32
CA VAL B 26 -14.54 -55.33 -34.01
C VAL B 26 -15.89 -54.62 -34.12
N ASN B 27 -16.20 -54.07 -35.30
CA ASN B 27 -17.45 -53.37 -35.57
C ASN B 27 -18.66 -54.29 -35.35
N LYS B 28 -18.54 -55.57 -35.70
CA LYS B 28 -19.63 -56.53 -35.56
C LYS B 28 -19.87 -56.85 -34.09
N ALA B 29 -18.78 -56.93 -33.31
CA ALA B 29 -18.85 -57.24 -31.88
C ALA B 29 -19.41 -56.05 -31.10
N ALA B 30 -19.15 -54.83 -31.59
CA ALA B 30 -19.54 -53.60 -30.92
C ALA B 30 -21.06 -53.42 -30.93
N VAL B 31 -21.72 -53.85 -32.01
CA VAL B 31 -23.17 -53.77 -32.11
C VAL B 31 -23.81 -54.79 -31.18
N MET B 32 -23.13 -55.93 -30.95
CA MET B 32 -23.66 -56.99 -30.09
C MET B 32 -23.60 -56.58 -28.62
N VAL B 33 -22.43 -56.09 -28.19
CA VAL B 33 -22.23 -55.72 -26.78
C VAL B 33 -23.10 -54.50 -26.46
N HIS B 34 -23.34 -53.63 -27.45
CA HIS B 34 -24.20 -52.47 -27.29
C HIS B 34 -25.65 -52.92 -27.08
N GLN B 35 -26.09 -53.91 -27.87
CA GLN B 35 -27.46 -54.40 -27.84
C GLN B 35 -27.73 -55.13 -26.53
N LEU B 36 -26.74 -55.87 -26.00
CA LEU B 36 -26.93 -56.61 -24.75
C LEU B 36 -26.88 -55.67 -23.56
N SER B 37 -26.22 -54.51 -23.71
CA SER B 37 -26.17 -53.49 -22.66
C SER B 37 -27.52 -52.78 -22.52
N LYS B 38 -28.36 -52.83 -23.57
CA LYS B 38 -29.65 -52.17 -23.58
C LYS B 38 -30.66 -52.92 -22.69
N LYS B 39 -30.50 -54.25 -22.58
CA LYS B 39 -31.37 -55.05 -21.74
C LYS B 39 -30.82 -55.09 -20.31
N GLU B 40 -31.74 -55.07 -19.34
CA GLU B 40 -31.40 -55.06 -17.92
C GLU B 40 -30.82 -56.42 -17.49
N ALA B 41 -31.26 -57.51 -18.14
CA ALA B 41 -30.85 -58.86 -17.82
C ALA B 41 -29.33 -59.03 -17.94
N SER B 42 -28.76 -58.51 -19.03
CA SER B 42 -27.33 -58.55 -19.25
C SER B 42 -26.70 -57.24 -18.79
N ARG B 43 -26.67 -57.01 -17.47
CA ARG B 43 -26.10 -55.79 -16.92
C ARG B 43 -25.13 -56.10 -15.79
N HIS B 44 -25.55 -56.85 -14.76
CA HIS B 44 -24.67 -57.17 -13.64
C HIS B 44 -23.56 -58.11 -14.09
N ALA B 45 -23.87 -58.97 -15.07
CA ALA B 45 -22.91 -59.90 -15.63
C ALA B 45 -21.85 -59.16 -16.45
N ILE B 46 -22.30 -58.15 -17.20
CA ILE B 46 -21.40 -57.39 -18.07
C ILE B 46 -20.56 -56.44 -17.20
N MET B 47 -21.10 -55.97 -16.07
CA MET B 47 -20.38 -55.11 -15.15
C MET B 47 -19.34 -55.89 -14.33
N ARG B 48 -19.60 -57.18 -14.08
CA ARG B 48 -18.73 -57.98 -13.23
C ARG B 48 -17.41 -58.31 -13.92
N SER B 49 -17.41 -58.30 -15.27
CA SER B 49 -16.22 -58.62 -16.07
C SER B 49 -15.19 -57.49 -16.02
N PRO B 50 -14.02 -57.69 -15.34
CA PRO B 50 -13.01 -56.63 -15.27
C PRO B 50 -12.12 -56.56 -16.51
N GLN B 51 -12.27 -57.52 -17.44
CA GLN B 51 -11.46 -57.58 -18.65
C GLN B 51 -12.20 -56.91 -19.81
N MET B 52 -13.54 -57.03 -19.81
CA MET B 52 -14.35 -56.49 -20.89
C MET B 52 -14.46 -54.97 -20.76
N VAL B 53 -14.53 -54.45 -19.53
CA VAL B 53 -14.62 -53.00 -19.32
C VAL B 53 -13.34 -52.32 -19.80
N SER B 54 -12.19 -52.98 -19.64
CA SER B 54 -10.92 -52.45 -20.09
C SER B 54 -10.80 -52.50 -21.63
N ALA B 55 -11.63 -53.32 -22.29
CA ALA B 55 -11.65 -53.46 -23.73
C ALA B 55 -12.62 -52.46 -24.37
N ILE B 56 -13.75 -52.20 -23.72
CA ILE B 56 -14.73 -51.25 -24.27
C ILE B 56 -14.19 -49.83 -24.19
N VAL B 57 -13.37 -49.53 -23.17
CA VAL B 57 -12.72 -48.24 -23.01
C VAL B 57 -11.60 -48.08 -24.04
N ARG B 58 -10.84 -49.16 -24.28
CA ARG B 58 -9.72 -49.16 -25.22
C ARG B 58 -10.23 -49.04 -26.66
N THR B 59 -11.32 -49.76 -26.97
CA THR B 59 -11.85 -49.77 -28.33
C THR B 59 -12.60 -48.46 -28.60
N MET B 60 -13.21 -47.84 -27.58
CA MET B 60 -13.89 -46.56 -27.78
C MET B 60 -12.88 -45.47 -28.09
N GLN B 61 -11.78 -45.44 -27.32
CA GLN B 61 -10.73 -44.44 -27.45
C GLN B 61 -10.02 -44.56 -28.80
N ASN B 62 -9.81 -45.81 -29.25
CA ASN B 62 -9.12 -46.09 -30.51
C ASN B 62 -10.04 -46.93 -31.39
N THR B 63 -10.88 -46.28 -32.21
CA THR B 63 -11.82 -46.99 -33.08
C THR B 63 -11.76 -46.46 -34.51
N ASN B 64 -11.78 -45.14 -34.69
CA ASN B 64 -11.68 -44.51 -36.00
C ASN B 64 -12.97 -44.71 -36.83
N ASP B 65 -13.93 -45.49 -36.32
CA ASP B 65 -15.19 -45.76 -37.02
C ASP B 65 -16.34 -45.07 -36.28
N VAL B 66 -17.14 -44.28 -37.01
CA VAL B 66 -18.18 -43.43 -36.44
C VAL B 66 -19.24 -44.25 -35.70
N GLU B 67 -19.62 -45.41 -36.25
CA GLU B 67 -20.69 -46.21 -35.66
C GLU B 67 -20.16 -46.96 -34.42
N THR B 68 -18.92 -47.44 -34.45
CA THR B 68 -18.35 -48.19 -33.34
C THR B 68 -18.10 -47.25 -32.15
N ALA B 69 -17.75 -45.99 -32.44
CA ALA B 69 -17.60 -44.96 -31.40
C ALA B 69 -18.94 -44.66 -30.73
N ARG B 70 -20.02 -44.61 -31.53
CA ARG B 70 -21.36 -44.34 -31.05
C ARG B 70 -21.93 -45.52 -30.25
N CYS B 71 -21.50 -46.75 -30.60
CA CYS B 71 -21.94 -47.97 -29.93
C CYS B 71 -21.22 -48.14 -28.59
N THR B 72 -19.90 -47.90 -28.57
CA THR B 72 -19.08 -48.10 -27.38
C THR B 72 -19.36 -47.01 -26.35
N ALA B 73 -19.61 -45.77 -26.80
CA ALA B 73 -19.95 -44.65 -25.92
C ALA B 73 -21.35 -44.83 -25.34
N GLY B 74 -22.27 -45.35 -26.17
CA GLY B 74 -23.62 -45.66 -25.73
C GLY B 74 -23.63 -46.79 -24.71
N THR B 75 -22.73 -47.76 -24.89
CA THR B 75 -22.56 -48.89 -23.99
C THR B 75 -22.13 -48.38 -22.62
N LEU B 76 -21.11 -47.52 -22.58
CA LEU B 76 -20.58 -46.97 -21.34
C LEU B 76 -21.62 -46.08 -20.64
N HIS B 77 -22.47 -45.42 -21.44
CA HIS B 77 -23.54 -44.58 -20.90
C HIS B 77 -24.55 -45.45 -20.15
N ASN B 78 -24.88 -46.61 -20.74
CA ASN B 78 -25.90 -47.50 -20.19
C ASN B 78 -25.38 -48.19 -18.92
N LEU B 79 -24.06 -48.25 -18.73
CA LEU B 79 -23.46 -48.80 -17.52
C LEU B 79 -23.52 -47.78 -16.38
N SER B 80 -23.37 -46.49 -16.73
CA SER B 80 -23.26 -45.39 -15.78
C SER B 80 -24.55 -45.17 -14.98
N HIS B 81 -25.64 -45.85 -15.37
CA HIS B 81 -26.92 -45.72 -14.68
C HIS B 81 -26.95 -46.50 -13.37
N HIS B 82 -25.98 -47.40 -13.15
CA HIS B 82 -25.94 -48.21 -11.93
C HIS B 82 -24.62 -47.98 -11.18
N ARG B 83 -24.68 -48.09 -9.85
CA ARG B 83 -23.56 -47.79 -8.96
C ARG B 83 -22.32 -48.63 -9.30
N GLU B 84 -22.54 -49.93 -9.57
CA GLU B 84 -21.45 -50.84 -9.92
C GLU B 84 -20.81 -50.46 -11.26
N GLY B 85 -21.64 -49.94 -12.19
CA GLY B 85 -21.19 -49.49 -13.49
C GLY B 85 -20.25 -48.28 -13.39
N LEU B 86 -20.50 -47.39 -12.42
CA LEU B 86 -19.67 -46.21 -12.22
C LEU B 86 -18.32 -46.63 -11.64
N LEU B 87 -18.33 -47.56 -10.67
CA LEU B 87 -17.11 -48.05 -10.04
C LEU B 87 -16.24 -48.80 -11.06
N ALA B 88 -16.89 -49.47 -12.02
CA ALA B 88 -16.18 -50.22 -13.05
C ALA B 88 -15.47 -49.27 -14.01
N ILE B 89 -16.19 -48.23 -14.48
CA ILE B 89 -15.63 -47.27 -15.42
C ILE B 89 -14.52 -46.45 -14.75
N PHE B 90 -14.61 -46.28 -13.42
CA PHE B 90 -13.62 -45.55 -12.65
C PHE B 90 -12.29 -46.30 -12.57
N LYS B 91 -12.33 -47.60 -12.28
CA LYS B 91 -11.12 -48.41 -12.14
C LYS B 91 -10.57 -48.79 -13.51
N SER B 92 -11.44 -48.91 -14.53
CA SER B 92 -11.05 -49.28 -15.87
C SER B 92 -10.31 -48.16 -16.61
N GLY B 93 -10.25 -46.96 -16.00
CA GLY B 93 -9.60 -45.81 -16.61
C GLY B 93 -10.46 -45.22 -17.72
N GLY B 94 -11.78 -45.18 -17.48
CA GLY B 94 -12.74 -44.71 -18.46
C GLY B 94 -12.83 -43.19 -18.55
N ILE B 95 -12.42 -42.49 -17.48
CA ILE B 95 -12.55 -41.04 -17.42
C ILE B 95 -11.68 -40.39 -18.50
N PRO B 96 -10.37 -40.72 -18.64
CA PRO B 96 -9.56 -40.12 -19.70
C PRO B 96 -10.03 -40.50 -21.11
N ALA B 97 -10.61 -41.72 -21.25
CA ALA B 97 -11.16 -42.16 -22.50
C ALA B 97 -12.37 -41.32 -22.89
N LEU B 98 -13.25 -41.10 -21.91
CA LEU B 98 -14.45 -40.28 -22.10
C LEU B 98 -14.07 -38.85 -22.45
N VAL B 99 -13.01 -38.33 -21.81
CA VAL B 99 -12.58 -36.97 -22.04
C VAL B 99 -12.14 -36.83 -23.50
N LYS B 100 -11.47 -37.86 -24.05
CA LYS B 100 -11.03 -37.84 -25.43
C LYS B 100 -12.24 -37.72 -26.37
N MET B 101 -13.33 -38.43 -26.03
CA MET B 101 -14.53 -38.46 -26.84
C MET B 101 -15.22 -37.10 -26.88
N LEU B 102 -14.81 -36.15 -26.03
CA LEU B 102 -15.34 -34.80 -26.06
C LEU B 102 -14.78 -34.02 -27.26
N GLY B 103 -13.69 -34.52 -27.87
CA GLY B 103 -13.13 -33.92 -29.07
C GLY B 103 -13.82 -34.39 -30.35
N SER B 104 -14.67 -35.43 -30.23
CA SER B 104 -15.34 -36.09 -31.35
C SER B 104 -16.30 -35.17 -32.08
N PRO B 105 -16.24 -35.13 -33.44
CA PRO B 105 -17.17 -34.30 -34.21
C PRO B 105 -18.59 -34.88 -34.30
N VAL B 106 -18.76 -36.16 -33.93
CA VAL B 106 -20.04 -36.83 -34.06
C VAL B 106 -20.89 -36.52 -32.83
N ASP B 107 -22.03 -35.86 -33.06
CA ASP B 107 -22.93 -35.40 -32.02
C ASP B 107 -23.37 -36.56 -31.11
N SER B 108 -23.62 -37.73 -31.68
CA SER B 108 -24.02 -38.90 -30.91
C SER B 108 -23.01 -39.21 -29.81
N VAL B 109 -21.72 -39.11 -30.15
CA VAL B 109 -20.62 -39.46 -29.26
C VAL B 109 -20.56 -38.45 -28.12
N LEU B 110 -20.71 -37.16 -28.46
CA LEU B 110 -20.63 -36.06 -27.51
C LEU B 110 -21.65 -36.22 -26.38
N PHE B 111 -22.90 -36.55 -26.75
CA PHE B 111 -23.99 -36.65 -25.80
C PHE B 111 -23.78 -37.85 -24.86
N TYR B 112 -23.18 -38.92 -25.39
CA TYR B 112 -22.95 -40.12 -24.62
C TYR B 112 -21.81 -39.89 -23.63
N ALA B 113 -20.75 -39.21 -24.10
CA ALA B 113 -19.57 -38.97 -23.28
C ALA B 113 -19.86 -37.97 -22.16
N ILE B 114 -20.54 -36.87 -22.49
CA ILE B 114 -20.78 -35.80 -21.52
C ILE B 114 -21.75 -36.28 -20.44
N THR B 115 -22.75 -37.11 -20.81
CA THR B 115 -23.72 -37.60 -19.84
C THR B 115 -23.07 -38.64 -18.93
N THR B 116 -22.21 -39.49 -19.49
CA THR B 116 -21.49 -40.50 -18.71
C THR B 116 -20.58 -39.81 -17.69
N LEU B 117 -19.86 -38.77 -18.14
CA LEU B 117 -18.98 -38.00 -17.28
C LEU B 117 -19.80 -37.28 -16.21
N HIS B 118 -20.99 -36.80 -16.59
CA HIS B 118 -21.88 -36.12 -15.67
C HIS B 118 -22.26 -37.06 -14.53
N ASN B 119 -22.69 -38.28 -14.88
CA ASN B 119 -23.10 -39.27 -13.90
C ASN B 119 -21.94 -39.64 -12.97
N LEU B 120 -20.72 -39.72 -13.54
CA LEU B 120 -19.51 -40.02 -12.78
C LEU B 120 -19.17 -38.89 -11.80
N LEU B 121 -19.38 -37.64 -12.23
CA LEU B 121 -19.13 -36.48 -11.37
C LEU B 121 -20.17 -36.40 -10.26
N LEU B 122 -21.42 -36.74 -10.60
CA LEU B 122 -22.54 -36.63 -9.67
C LEU B 122 -22.47 -37.68 -8.56
N HIS B 123 -22.08 -38.92 -8.89
CA HIS B 123 -22.22 -40.03 -7.95
C HIS B 123 -20.90 -40.71 -7.59
N GLN B 124 -20.00 -40.91 -8.56
CA GLN B 124 -18.78 -41.68 -8.33
C GLN B 124 -17.74 -40.84 -7.60
N GLU B 125 -17.28 -41.34 -6.45
CA GLU B 125 -16.27 -40.67 -5.64
C GLU B 125 -14.91 -40.72 -6.35
N GLY B 126 -14.15 -39.62 -6.21
CA GLY B 126 -12.81 -39.52 -6.78
C GLY B 126 -12.82 -39.01 -8.23
N ALA B 127 -14.00 -38.93 -8.86
CA ALA B 127 -14.12 -38.63 -10.28
C ALA B 127 -13.79 -37.16 -10.57
N LYS B 128 -14.03 -36.28 -9.60
CA LYS B 128 -13.78 -34.85 -9.77
C LYS B 128 -12.29 -34.61 -10.04
N MET B 129 -11.43 -35.31 -9.27
CA MET B 129 -9.99 -35.17 -9.41
C MET B 129 -9.53 -35.80 -10.72
N ALA B 130 -10.13 -36.95 -11.08
CA ALA B 130 -9.78 -37.67 -12.30
C ALA B 130 -10.09 -36.85 -13.55
N VAL B 131 -11.22 -36.13 -13.55
CA VAL B 131 -11.62 -35.32 -14.70
C VAL B 131 -10.68 -34.13 -14.84
N ARG B 132 -10.28 -33.51 -13.73
CA ARG B 132 -9.35 -32.38 -13.76
C ARG B 132 -8.02 -32.81 -14.37
N LEU B 133 -7.50 -33.95 -13.91
CA LEU B 133 -6.20 -34.46 -14.33
C LEU B 133 -6.22 -34.89 -15.80
N ALA B 134 -7.38 -35.31 -16.31
CA ALA B 134 -7.50 -35.75 -17.69
C ALA B 134 -7.65 -34.57 -18.66
N GLY B 135 -7.63 -33.33 -18.14
CA GLY B 135 -7.81 -32.14 -18.98
C GLY B 135 -9.27 -31.94 -19.39
N GLY B 136 -10.20 -32.40 -18.54
CA GLY B 136 -11.62 -32.37 -18.83
C GLY B 136 -12.19 -30.94 -18.86
N LEU B 137 -11.66 -30.06 -18.00
CA LEU B 137 -12.14 -28.68 -17.89
C LEU B 137 -12.00 -27.94 -19.22
N GLN B 138 -10.84 -28.08 -19.87
CA GLN B 138 -10.55 -27.38 -21.10
C GLN B 138 -11.49 -27.87 -22.21
N LYS B 139 -11.74 -29.19 -22.24
CA LYS B 139 -12.59 -29.78 -23.25
C LYS B 139 -14.02 -29.27 -23.07
N MET B 140 -14.50 -29.25 -21.82
CA MET B 140 -15.87 -28.86 -21.52
C MET B 140 -16.11 -27.39 -21.87
N VAL B 141 -15.13 -26.52 -21.57
CA VAL B 141 -15.29 -25.10 -21.87
C VAL B 141 -15.39 -24.92 -23.39
N ALA B 142 -14.59 -25.68 -24.15
CA ALA B 142 -14.58 -25.57 -25.60
C ALA B 142 -15.93 -25.97 -26.21
N LEU B 143 -16.61 -26.93 -25.58
CA LEU B 143 -17.90 -27.45 -26.06
C LEU B 143 -19.07 -26.48 -25.84
N LEU B 144 -18.80 -25.30 -25.25
CA LEU B 144 -19.88 -24.39 -24.90
C LEU B 144 -20.34 -23.57 -26.11
N ASN B 145 -19.72 -23.73 -27.29
CA ASN B 145 -20.16 -23.03 -28.49
C ASN B 145 -21.25 -23.83 -29.23
N LYS B 146 -21.50 -25.07 -28.81
CA LYS B 146 -22.57 -25.90 -29.35
C LYS B 146 -23.92 -25.25 -29.06
N THR B 147 -24.97 -25.72 -29.74
CA THR B 147 -26.26 -25.03 -29.73
C THR B 147 -27.38 -25.90 -29.17
N ASN B 148 -27.09 -27.14 -28.80
CA ASN B 148 -28.09 -28.00 -28.17
C ASN B 148 -28.24 -27.58 -26.71
N VAL B 149 -29.40 -27.03 -26.32
CA VAL B 149 -29.56 -26.46 -24.98
C VAL B 149 -29.53 -27.55 -23.91
N LYS B 150 -29.94 -28.77 -24.25
CA LYS B 150 -29.91 -29.87 -23.30
C LYS B 150 -28.46 -30.33 -23.05
N PHE B 151 -27.66 -30.36 -24.12
CA PHE B 151 -26.23 -30.68 -24.03
C PHE B 151 -25.52 -29.60 -23.21
N LEU B 152 -25.81 -28.33 -23.52
CA LEU B 152 -25.24 -27.19 -22.85
C LEU B 152 -25.57 -27.23 -21.35
N ALA B 153 -26.78 -27.67 -21.00
CA ALA B 153 -27.21 -27.73 -19.61
C ALA B 153 -26.40 -28.76 -18.83
N ILE B 154 -26.06 -29.88 -19.48
CA ILE B 154 -25.31 -30.94 -18.82
C ILE B 154 -23.85 -30.51 -18.68
N THR B 155 -23.30 -29.89 -19.73
CA THR B 155 -21.91 -29.47 -19.75
C THR B 155 -21.67 -28.41 -18.67
N THR B 156 -22.55 -27.41 -18.59
CA THR B 156 -22.39 -26.33 -17.64
C THR B 156 -22.54 -26.88 -16.22
N ASP B 157 -23.37 -27.92 -16.01
CA ASP B 157 -23.51 -28.48 -14.68
C ASP B 157 -22.22 -29.19 -14.26
N CYS B 158 -21.55 -29.85 -15.21
CA CYS B 158 -20.26 -30.47 -14.96
C CYS B 158 -19.24 -29.41 -14.50
N LEU B 159 -19.25 -28.26 -15.17
CA LEU B 159 -18.35 -27.17 -14.84
C LEU B 159 -18.64 -26.64 -13.44
N GLN B 160 -19.93 -26.62 -13.04
CA GLN B 160 -20.30 -26.14 -11.72
C GLN B 160 -19.72 -27.06 -10.65
N ILE B 161 -19.91 -28.37 -10.84
CA ILE B 161 -19.40 -29.36 -9.90
C ILE B 161 -17.89 -29.22 -9.77
N LEU B 162 -17.18 -29.05 -10.88
CA LEU B 162 -15.73 -29.01 -10.89
C LEU B 162 -15.19 -27.69 -10.32
N ALA B 163 -15.90 -26.58 -10.54
CA ALA B 163 -15.39 -25.26 -10.18
C ALA B 163 -15.67 -24.95 -8.71
N TYR B 164 -16.76 -25.51 -8.16
CA TYR B 164 -17.16 -25.22 -6.81
C TYR B 164 -16.04 -25.59 -5.83
N GLY B 165 -15.66 -24.60 -5.00
CA GLY B 165 -14.67 -24.79 -3.94
C GLY B 165 -13.29 -25.17 -4.46
N ASN B 166 -12.95 -24.77 -5.70
CA ASN B 166 -11.70 -25.21 -6.31
C ASN B 166 -11.10 -24.10 -7.16
N GLN B 167 -10.20 -23.30 -6.54
CA GLN B 167 -9.68 -22.10 -7.20
C GLN B 167 -8.85 -22.48 -8.42
N GLU B 168 -8.26 -23.68 -8.41
CA GLU B 168 -7.46 -24.18 -9.53
C GLU B 168 -8.34 -24.28 -10.78
N SER B 169 -9.50 -24.93 -10.64
CA SER B 169 -10.43 -25.14 -11.73
C SER B 169 -10.97 -23.80 -12.23
N LYS B 170 -11.23 -22.88 -11.31
CA LYS B 170 -11.74 -21.56 -11.67
C LYS B 170 -10.75 -20.87 -12.60
N LEU B 171 -9.46 -20.97 -12.28
CA LEU B 171 -8.41 -20.33 -13.07
C LEU B 171 -8.31 -20.96 -14.46
N ILE B 172 -8.52 -22.28 -14.54
CA ILE B 172 -8.47 -22.97 -15.82
C ILE B 172 -9.67 -22.56 -16.69
N ILE B 173 -10.86 -22.46 -16.07
CA ILE B 173 -12.04 -22.03 -16.80
C ILE B 173 -11.81 -20.63 -17.37
N LEU B 174 -11.13 -19.75 -16.62
CA LEU B 174 -10.81 -18.40 -17.07
C LEU B 174 -9.89 -18.44 -18.29
N ALA B 175 -8.83 -19.25 -18.21
CA ALA B 175 -7.83 -19.33 -19.27
C ALA B 175 -8.43 -19.87 -20.56
N SER B 176 -9.46 -20.73 -20.44
CA SER B 176 -10.07 -21.36 -21.59
C SER B 176 -11.18 -20.50 -22.20
N GLY B 177 -11.36 -19.26 -21.72
CA GLY B 177 -12.37 -18.36 -22.25
C GLY B 177 -13.78 -18.67 -21.70
N GLY B 178 -13.81 -19.25 -20.51
CA GLY B 178 -15.05 -19.65 -19.84
C GLY B 178 -16.03 -18.49 -19.66
N PRO B 179 -15.61 -17.35 -19.06
CA PRO B 179 -16.50 -16.21 -18.87
C PRO B 179 -17.26 -15.77 -20.12
N GLN B 180 -16.55 -15.65 -21.24
CA GLN B 180 -17.16 -15.19 -22.48
C GLN B 180 -18.22 -16.20 -22.94
N ALA B 181 -17.89 -17.49 -22.87
CA ALA B 181 -18.78 -18.54 -23.33
C ALA B 181 -20.03 -18.61 -22.46
N LEU B 182 -19.89 -18.38 -21.15
CA LEU B 182 -21.00 -18.47 -20.22
C LEU B 182 -21.93 -17.28 -20.41
N VAL B 183 -21.35 -16.08 -20.59
CA VAL B 183 -22.12 -14.86 -20.79
C VAL B 183 -22.94 -14.99 -22.08
N ASN B 184 -22.34 -15.60 -23.12
CA ASN B 184 -23.00 -15.78 -24.40
C ASN B 184 -24.25 -16.64 -24.23
N ILE B 185 -24.14 -17.72 -23.45
CA ILE B 185 -25.30 -18.56 -23.15
C ILE B 185 -26.44 -17.73 -22.55
N MET B 186 -26.13 -16.83 -21.61
CA MET B 186 -27.14 -16.03 -20.95
C MET B 186 -27.78 -15.01 -21.90
N ARG B 187 -27.09 -14.68 -23.01
CA ARG B 187 -27.61 -13.73 -23.98
C ARG B 187 -28.36 -14.42 -25.14
N THR B 188 -28.17 -15.74 -25.30
CA THR B 188 -28.64 -16.46 -26.48
C THR B 188 -29.89 -17.30 -26.19
N TYR B 189 -29.95 -17.99 -25.04
CA TYR B 189 -30.95 -19.00 -24.80
C TYR B 189 -32.02 -18.53 -23.82
N THR B 190 -33.14 -19.27 -23.78
CA THR B 190 -34.27 -19.01 -22.89
C THR B 190 -34.61 -20.26 -22.06
N TYR B 191 -33.93 -21.38 -22.33
CA TYR B 191 -34.23 -22.62 -21.64
C TYR B 191 -33.82 -22.47 -20.18
N GLU B 192 -34.79 -22.44 -19.27
CA GLU B 192 -34.59 -22.09 -17.87
C GLU B 192 -33.50 -22.96 -17.24
N LYS B 193 -33.59 -24.28 -17.40
CA LYS B 193 -32.66 -25.18 -16.74
C LYS B 193 -31.22 -24.83 -17.10
N LEU B 194 -30.98 -24.44 -18.37
CA LEU B 194 -29.65 -24.07 -18.84
C LEU B 194 -29.24 -22.72 -18.25
N LEU B 195 -30.14 -21.73 -18.26
CA LEU B 195 -29.86 -20.40 -17.76
C LEU B 195 -29.49 -20.47 -16.28
N TRP B 196 -30.20 -21.32 -15.53
CA TRP B 196 -30.00 -21.46 -14.10
C TRP B 196 -28.65 -22.11 -13.81
N THR B 197 -28.32 -23.19 -14.53
CA THR B 197 -27.05 -23.86 -14.33
C THR B 197 -25.90 -22.93 -14.69
N THR B 198 -26.06 -22.17 -15.78
CA THR B 198 -25.00 -21.28 -16.24
C THR B 198 -24.80 -20.16 -15.21
N SER B 199 -25.90 -19.68 -14.61
CA SER B 199 -25.84 -18.64 -13.61
C SER B 199 -25.11 -19.13 -12.35
N ARG B 200 -25.25 -20.42 -12.03
CA ARG B 200 -24.58 -21.02 -10.89
C ARG B 200 -23.06 -21.06 -11.11
N VAL B 201 -22.64 -21.35 -12.35
CA VAL B 201 -21.22 -21.35 -12.69
C VAL B 201 -20.68 -19.92 -12.57
N LEU B 202 -21.41 -18.95 -13.13
CA LEU B 202 -20.98 -17.57 -13.04
C LEU B 202 -20.93 -17.09 -11.59
N LYS B 203 -21.85 -17.57 -10.74
CA LYS B 203 -21.85 -17.20 -9.33
C LYS B 203 -20.55 -17.68 -8.66
N VAL B 204 -20.20 -18.95 -8.89
CA VAL B 204 -18.97 -19.54 -8.36
C VAL B 204 -17.75 -18.75 -8.84
N LEU B 205 -17.72 -18.37 -10.12
CA LEU B 205 -16.59 -17.64 -10.68
C LEU B 205 -16.55 -16.20 -10.17
N SER B 206 -17.71 -15.64 -9.76
CA SER B 206 -17.81 -14.20 -9.50
C SER B 206 -17.17 -13.81 -8.17
N VAL B 207 -16.84 -14.78 -7.32
CA VAL B 207 -16.13 -14.50 -6.07
C VAL B 207 -14.61 -14.55 -6.31
N CYS B 208 -14.17 -14.96 -7.50
CA CYS B 208 -12.77 -15.01 -7.90
C CYS B 208 -12.31 -13.64 -8.42
N SER B 209 -11.25 -13.10 -7.82
CA SER B 209 -10.78 -11.75 -8.09
C SER B 209 -10.24 -11.60 -9.51
N SER B 210 -9.92 -12.72 -10.20
CA SER B 210 -9.40 -12.67 -11.56
C SER B 210 -10.49 -12.95 -12.59
N ASN B 211 -11.43 -13.85 -12.26
CA ASN B 211 -12.57 -14.15 -13.11
C ASN B 211 -13.54 -12.97 -13.16
N LYS B 212 -13.59 -12.17 -12.08
CA LYS B 212 -14.60 -11.13 -11.94
C LYS B 212 -14.43 -10.05 -13.02
N PRO B 213 -13.24 -9.44 -13.23
CA PRO B 213 -13.08 -8.45 -14.30
C PRO B 213 -13.33 -9.01 -15.70
N ALA B 214 -13.06 -10.31 -15.87
CA ALA B 214 -13.26 -10.97 -17.15
C ALA B 214 -14.75 -11.11 -17.44
N ILE B 215 -15.53 -11.55 -16.43
CA ILE B 215 -16.97 -11.70 -16.59
C ILE B 215 -17.58 -10.34 -16.91
N VAL B 216 -17.14 -9.30 -16.21
CA VAL B 216 -17.65 -7.95 -16.41
C VAL B 216 -17.28 -7.47 -17.82
N GLU B 217 -16.05 -7.76 -18.25
CA GLU B 217 -15.57 -7.35 -19.57
C GLU B 217 -16.34 -8.06 -20.68
N ALA B 218 -16.75 -9.32 -20.44
CA ALA B 218 -17.52 -10.08 -21.41
C ALA B 218 -18.96 -9.58 -21.51
N GLY B 219 -19.36 -8.63 -20.67
CA GLY B 219 -20.72 -8.08 -20.70
C GLY B 219 -21.67 -8.84 -19.78
N GLY B 220 -21.13 -9.35 -18.66
CA GLY B 220 -21.88 -10.18 -17.73
C GLY B 220 -22.97 -9.44 -16.95
N MET B 221 -22.76 -8.16 -16.63
CA MET B 221 -23.73 -7.37 -15.88
C MET B 221 -25.04 -7.25 -16.67
N GLN B 222 -24.88 -6.90 -17.96
CA GLN B 222 -26.03 -6.64 -18.82
C GLN B 222 -26.73 -7.96 -19.13
N ALA B 223 -25.95 -9.03 -19.36
CA ALA B 223 -26.47 -10.34 -19.69
C ALA B 223 -27.34 -10.88 -18.55
N LEU B 224 -26.82 -10.81 -17.32
CA LEU B 224 -27.56 -11.30 -16.15
C LEU B 224 -28.81 -10.45 -15.92
N GLY B 225 -28.74 -9.16 -16.29
CA GLY B 225 -29.85 -8.23 -16.12
C GLY B 225 -31.09 -8.63 -16.94
N LEU B 226 -30.87 -9.35 -18.06
CA LEU B 226 -31.94 -9.78 -18.94
C LEU B 226 -32.96 -10.66 -18.22
N HIS B 227 -32.53 -11.37 -17.17
CA HIS B 227 -33.35 -12.42 -16.58
C HIS B 227 -33.87 -12.06 -15.18
N LEU B 228 -33.89 -10.78 -14.82
CA LEU B 228 -34.30 -10.39 -13.49
C LEU B 228 -35.82 -10.40 -13.33
N THR B 229 -36.57 -10.47 -14.43
CA THR B 229 -38.04 -10.54 -14.35
C THR B 229 -38.54 -11.90 -14.84
N ASP B 230 -37.64 -12.89 -14.96
CA ASP B 230 -38.03 -14.24 -15.32
C ASP B 230 -38.88 -14.82 -14.19
N PRO B 231 -39.99 -15.53 -14.49
CA PRO B 231 -40.82 -16.13 -13.44
C PRO B 231 -40.07 -17.06 -12.49
N SER B 232 -38.95 -17.64 -12.94
CA SER B 232 -38.17 -18.56 -12.13
C SER B 232 -37.40 -17.80 -11.05
N GLN B 233 -37.75 -18.04 -9.78
CA GLN B 233 -37.15 -17.31 -8.68
C GLN B 233 -35.72 -17.77 -8.44
N ARG B 234 -35.41 -19.03 -8.73
CA ARG B 234 -34.06 -19.53 -8.52
C ARG B 234 -33.11 -18.87 -9.52
N LEU B 235 -33.58 -18.63 -10.75
CA LEU B 235 -32.78 -17.95 -11.75
C LEU B 235 -32.56 -16.48 -11.37
N VAL B 236 -33.63 -15.80 -10.90
CA VAL B 236 -33.55 -14.40 -10.57
C VAL B 236 -32.53 -14.20 -9.45
N GLN B 237 -32.64 -15.03 -8.40
CA GLN B 237 -31.82 -14.88 -7.20
C GLN B 237 -30.35 -15.12 -7.53
N ASN B 238 -30.04 -16.15 -8.32
CA ASN B 238 -28.66 -16.43 -8.69
C ASN B 238 -28.10 -15.27 -9.51
N CYS B 239 -28.91 -14.72 -10.41
CA CYS B 239 -28.49 -13.56 -11.19
C CYS B 239 -28.18 -12.39 -10.25
N LEU B 240 -29.02 -12.20 -9.22
CA LEU B 240 -28.86 -11.10 -8.29
C LEU B 240 -27.58 -11.26 -7.45
N TRP B 241 -27.35 -12.48 -6.92
CA TRP B 241 -26.13 -12.75 -6.15
C TRP B 241 -24.89 -12.50 -6.99
N THR B 242 -24.87 -13.01 -8.23
CA THR B 242 -23.71 -12.87 -9.10
C THR B 242 -23.50 -11.38 -9.41
N LEU B 243 -24.59 -10.68 -9.72
CA LEU B 243 -24.54 -9.25 -10.03
C LEU B 243 -23.91 -8.47 -8.87
N ARG B 244 -24.32 -8.81 -7.64
CA ARG B 244 -23.82 -8.09 -6.48
C ARG B 244 -22.32 -8.30 -6.35
N ASN B 245 -21.86 -9.55 -6.52
CA ASN B 245 -20.45 -9.90 -6.46
C ASN B 245 -19.64 -9.08 -7.47
N LEU B 246 -20.17 -8.94 -8.69
CA LEU B 246 -19.45 -8.31 -9.79
C LEU B 246 -19.51 -6.79 -9.70
N SER B 247 -20.50 -6.24 -8.98
CA SER B 247 -20.90 -4.85 -9.14
C SER B 247 -19.80 -3.85 -8.78
N ASP B 248 -18.85 -4.22 -7.89
CA ASP B 248 -17.78 -3.31 -7.51
C ASP B 248 -16.74 -3.14 -8.62
N ALA B 249 -16.80 -3.98 -9.67
CA ALA B 249 -15.85 -3.90 -10.77
C ALA B 249 -16.53 -3.43 -12.06
N ALA B 250 -17.74 -2.89 -11.97
CA ALA B 250 -18.51 -2.59 -13.18
C ALA B 250 -18.74 -1.09 -13.34
N THR B 251 -17.87 -0.25 -12.73
CA THR B 251 -18.15 1.18 -12.70
C THR B 251 -17.85 1.81 -14.06
N LYS B 252 -17.12 1.14 -14.96
CA LYS B 252 -16.81 1.72 -16.27
C LYS B 252 -17.80 1.27 -17.34
N GLN B 253 -18.70 0.33 -17.00
CA GLN B 253 -19.61 -0.27 -17.98
C GLN B 253 -20.69 0.70 -18.39
N GLU B 254 -21.06 0.61 -19.68
CA GLU B 254 -22.14 1.37 -20.29
C GLU B 254 -23.25 0.40 -20.71
N GLY B 255 -24.37 0.96 -21.19
CA GLY B 255 -25.53 0.18 -21.58
C GLY B 255 -26.19 -0.50 -20.38
N MET B 256 -26.25 0.23 -19.25
CA MET B 256 -26.73 -0.30 -17.98
C MET B 256 -28.12 0.24 -17.63
N GLU B 257 -28.72 1.03 -18.54
CA GLU B 257 -30.02 1.65 -18.32
C GLU B 257 -31.06 0.61 -17.89
N GLY B 258 -31.12 -0.50 -18.62
CA GLY B 258 -32.13 -1.52 -18.40
C GLY B 258 -31.98 -2.17 -17.03
N LEU B 259 -30.74 -2.55 -16.70
CA LEU B 259 -30.42 -3.18 -15.43
C LEU B 259 -30.79 -2.25 -14.28
N LEU B 260 -30.34 -0.99 -14.37
CA LEU B 260 -30.58 -0.01 -13.32
C LEU B 260 -32.07 0.17 -13.08
N GLY B 261 -32.86 0.21 -14.16
CA GLY B 261 -34.32 0.36 -14.03
C GLY B 261 -34.97 -0.82 -13.33
N THR B 262 -34.53 -2.03 -13.67
CA THR B 262 -35.09 -3.23 -13.07
C THR B 262 -34.74 -3.29 -11.59
N LEU B 263 -33.49 -2.92 -11.24
CA LEU B 263 -33.03 -2.98 -9.86
C LEU B 263 -33.88 -2.09 -8.97
N VAL B 264 -34.19 -0.87 -9.44
CA VAL B 264 -35.04 0.05 -8.70
C VAL B 264 -36.40 -0.60 -8.44
N GLN B 265 -36.97 -1.26 -9.46
CA GLN B 265 -38.24 -1.95 -9.33
C GLN B 265 -38.15 -3.03 -8.27
N LEU B 266 -37.09 -3.85 -8.30
CA LEU B 266 -36.95 -4.96 -7.38
C LEU B 266 -36.84 -4.49 -5.93
N LEU B 267 -36.55 -3.19 -5.70
CA LEU B 267 -36.52 -2.66 -4.35
C LEU B 267 -37.89 -2.82 -3.66
N GLY B 268 -38.97 -2.90 -4.43
CA GLY B 268 -40.30 -3.02 -3.87
C GLY B 268 -40.74 -4.48 -3.64
N SER B 269 -39.83 -5.43 -3.84
CA SER B 269 -40.12 -6.85 -3.70
C SER B 269 -40.46 -7.23 -2.25
N ASP B 270 -41.19 -8.34 -2.09
CA ASP B 270 -41.52 -8.88 -0.77
C ASP B 270 -40.39 -9.78 -0.26
N ASP B 271 -39.51 -10.21 -1.18
CA ASP B 271 -38.40 -11.10 -0.85
C ASP B 271 -37.23 -10.27 -0.34
N ILE B 272 -36.84 -10.50 0.92
CA ILE B 272 -35.82 -9.67 1.57
C ILE B 272 -34.45 -9.89 0.91
N ASN B 273 -34.24 -11.06 0.32
CA ASN B 273 -32.99 -11.36 -0.37
C ASN B 273 -32.92 -10.56 -1.67
N VAL B 274 -34.06 -10.43 -2.35
CA VAL B 274 -34.14 -9.64 -3.58
C VAL B 274 -33.88 -8.17 -3.24
N VAL B 275 -34.53 -7.68 -2.18
CA VAL B 275 -34.38 -6.29 -1.76
C VAL B 275 -32.93 -6.01 -1.38
N THR B 276 -32.32 -6.90 -0.58
CA THR B 276 -30.96 -6.73 -0.09
C THR B 276 -29.99 -6.61 -1.26
N CYS B 277 -30.11 -7.52 -2.24
CA CYS B 277 -29.21 -7.55 -3.38
C CYS B 277 -29.39 -6.30 -4.24
N ALA B 278 -30.62 -5.90 -4.53
CA ALA B 278 -30.87 -4.75 -5.38
C ALA B 278 -30.26 -3.50 -4.76
N ALA B 279 -30.44 -3.33 -3.45
CA ALA B 279 -29.90 -2.18 -2.75
C ALA B 279 -28.37 -2.15 -2.86
N GLY B 280 -27.75 -3.32 -2.66
CA GLY B 280 -26.31 -3.47 -2.69
C GLY B 280 -25.72 -3.25 -4.08
N ILE B 281 -26.38 -3.75 -5.12
CA ILE B 281 -25.93 -3.55 -6.49
C ILE B 281 -26.04 -2.06 -6.83
N LEU B 282 -27.19 -1.45 -6.50
CA LEU B 282 -27.39 -0.04 -6.78
C LEU B 282 -26.34 0.80 -6.07
N SER B 283 -26.02 0.43 -4.82
CA SER B 283 -25.01 1.14 -4.05
C SER B 283 -23.66 1.10 -4.77
N ASN B 284 -23.23 -0.10 -5.18
CA ASN B 284 -21.95 -0.28 -5.88
C ASN B 284 -21.92 0.46 -7.23
N LEU B 285 -23.01 0.36 -8.01
CA LEU B 285 -23.02 0.90 -9.36
C LEU B 285 -23.13 2.43 -9.36
N THR B 286 -23.65 3.03 -8.28
CA THR B 286 -23.81 4.48 -8.23
C THR B 286 -22.60 5.14 -7.59
N CYS B 287 -21.70 4.35 -6.98
CA CYS B 287 -20.50 4.89 -6.36
C CYS B 287 -19.63 5.54 -7.43
N ASN B 288 -19.54 6.88 -7.39
CA ASN B 288 -18.68 7.67 -8.25
C ASN B 288 -18.96 7.48 -9.74
N ASN B 289 -20.21 7.19 -10.12
CA ASN B 289 -20.57 7.12 -11.53
C ASN B 289 -21.73 8.08 -11.78
N TYR B 290 -21.43 9.28 -12.29
CA TYR B 290 -22.40 10.35 -12.40
C TYR B 290 -23.51 10.02 -13.41
N LYS B 291 -23.22 9.16 -14.39
CA LYS B 291 -24.23 8.77 -15.37
C LYS B 291 -25.23 7.83 -14.71
N ASN B 292 -24.73 6.87 -13.93
CA ASN B 292 -25.56 5.89 -13.24
C ASN B 292 -26.44 6.60 -12.19
N LYS B 293 -25.88 7.58 -11.49
CA LYS B 293 -26.62 8.35 -10.50
C LYS B 293 -27.83 9.01 -11.16
N MET B 294 -27.58 9.60 -12.34
CA MET B 294 -28.59 10.29 -13.14
C MET B 294 -29.72 9.33 -13.53
N MET B 295 -29.35 8.16 -14.07
CA MET B 295 -30.32 7.18 -14.54
C MET B 295 -31.18 6.69 -13.37
N VAL B 296 -30.55 6.37 -12.23
CA VAL B 296 -31.29 5.83 -11.09
C VAL B 296 -32.27 6.88 -10.57
N CYS B 297 -31.87 8.15 -10.55
CA CYS B 297 -32.74 9.23 -10.13
C CYS B 297 -33.92 9.37 -11.10
N GLN B 298 -33.65 9.25 -12.40
CA GLN B 298 -34.65 9.43 -13.44
C GLN B 298 -35.77 8.38 -13.34
N VAL B 299 -35.48 7.18 -12.84
CA VAL B 299 -36.49 6.13 -12.77
C VAL B 299 -37.04 5.97 -11.35
N GLY B 300 -37.04 7.07 -10.58
CA GLY B 300 -37.71 7.11 -9.29
C GLY B 300 -36.90 6.45 -8.17
N GLY B 301 -35.56 6.50 -8.28
CA GLY B 301 -34.68 5.78 -7.37
C GLY B 301 -34.74 6.31 -5.93
N ILE B 302 -34.90 7.63 -5.78
CA ILE B 302 -34.90 8.23 -4.46
C ILE B 302 -36.13 7.74 -3.70
N GLU B 303 -37.30 7.87 -4.31
CA GLU B 303 -38.56 7.42 -3.70
C GLU B 303 -38.47 5.93 -3.34
N ALA B 304 -37.97 5.11 -4.25
CA ALA B 304 -37.89 3.67 -4.01
C ALA B 304 -36.97 3.38 -2.82
N LEU B 305 -35.87 4.12 -2.72
CA LEU B 305 -34.87 3.88 -1.68
C LEU B 305 -35.36 4.34 -0.32
N VAL B 306 -36.10 5.46 -0.26
CA VAL B 306 -36.64 5.94 1.00
C VAL B 306 -37.67 4.94 1.52
N ARG B 307 -38.55 4.45 0.64
CA ARG B 307 -39.53 3.45 1.02
C ARG B 307 -38.85 2.20 1.56
N THR B 308 -37.75 1.78 0.93
CA THR B 308 -37.01 0.61 1.34
C THR B 308 -36.45 0.81 2.76
N VAL B 309 -35.91 2.01 3.04
CA VAL B 309 -35.32 2.29 4.35
C VAL B 309 -36.43 2.27 5.40
N LEU B 310 -37.61 2.83 5.07
CA LEU B 310 -38.72 2.89 6.00
C LEU B 310 -39.22 1.48 6.33
N ARG B 311 -39.36 0.62 5.32
CA ARG B 311 -39.87 -0.74 5.49
C ARG B 311 -38.89 -1.61 6.28
N ALA B 312 -37.59 -1.37 6.11
CA ALA B 312 -36.55 -2.25 6.63
C ALA B 312 -36.45 -2.14 8.15
N GLY B 313 -36.77 -0.97 8.69
CA GLY B 313 -36.64 -0.73 10.12
C GLY B 313 -35.19 -0.83 10.57
N ASP B 314 -34.91 -1.79 11.46
CA ASP B 314 -33.59 -1.93 12.06
C ASP B 314 -32.77 -3.02 11.38
N ARG B 315 -33.24 -3.55 10.25
CA ARG B 315 -32.49 -4.52 9.48
C ARG B 315 -31.41 -3.81 8.69
N GLU B 316 -30.18 -3.85 9.23
CA GLU B 316 -29.05 -3.08 8.72
C GLU B 316 -28.51 -3.65 7.42
N ASP B 317 -28.83 -4.91 7.11
CA ASP B 317 -28.42 -5.52 5.85
C ASP B 317 -29.18 -4.89 4.68
N ILE B 318 -30.30 -4.22 4.96
CA ILE B 318 -31.05 -3.48 3.95
C ILE B 318 -30.71 -1.99 4.03
N THR B 319 -30.72 -1.40 5.24
CA THR B 319 -30.60 0.04 5.37
C THR B 319 -29.19 0.51 5.02
N GLU B 320 -28.16 -0.27 5.35
CA GLU B 320 -26.80 0.19 5.07
C GLU B 320 -26.61 0.40 3.57
N PRO B 321 -26.79 -0.60 2.67
CA PRO B 321 -26.68 -0.35 1.23
C PRO B 321 -27.64 0.70 0.67
N ALA B 322 -28.86 0.77 1.22
CA ALA B 322 -29.84 1.72 0.74
C ALA B 322 -29.44 3.15 1.09
N ILE B 323 -28.91 3.36 2.30
CA ILE B 323 -28.43 4.66 2.74
C ILE B 323 -27.18 5.04 1.94
N CSO B 324 -26.27 4.09 1.67
CA CSO B 324 -25.10 4.35 0.83
CB CSO B 324 -24.21 3.14 0.69
SG CSO B 324 -23.31 2.66 2.19
C CSO B 324 -25.53 4.81 -0.56
O CSO B 324 -24.98 5.78 -1.09
OD CSO B 324 -22.05 3.71 2.37
N ALA B 325 -26.50 4.12 -1.16
CA ALA B 325 -27.01 4.51 -2.47
C ALA B 325 -27.57 5.93 -2.41
N LEU B 326 -28.35 6.26 -1.37
CA LEU B 326 -28.92 7.58 -1.20
C LEU B 326 -27.82 8.64 -1.10
N ARG B 327 -26.73 8.31 -0.40
N ARG B 327 -26.74 8.31 -0.40
CA ARG B 327 -25.59 9.21 -0.25
CA ARG B 327 -25.60 9.21 -0.25
C ARG B 327 -24.96 9.49 -1.62
C ARG B 327 -25.00 9.50 -1.63
N HIS B 328 -24.75 8.44 -2.42
CA HIS B 328 -24.21 8.58 -3.76
C HIS B 328 -25.11 9.46 -4.63
N LEU B 329 -26.43 9.24 -4.57
CA LEU B 329 -27.39 9.92 -5.44
C LEU B 329 -27.59 11.38 -5.03
N THR B 330 -27.12 11.80 -3.85
CA THR B 330 -27.37 13.17 -3.38
C THR B 330 -26.13 14.07 -3.53
N SER B 331 -25.18 13.69 -4.40
CA SER B 331 -24.01 14.54 -4.67
C SER B 331 -23.43 14.27 -6.06
N ARG B 332 -22.85 15.33 -6.65
CA ARG B 332 -21.95 15.27 -7.80
C ARG B 332 -22.60 14.61 -9.02
N HIS B 333 -23.74 15.18 -9.45
CA HIS B 333 -24.38 14.88 -10.73
C HIS B 333 -25.45 15.95 -11.00
N GLN B 334 -25.97 16.00 -12.22
CA GLN B 334 -26.84 17.09 -12.65
C GLN B 334 -28.09 17.18 -11.78
N GLU B 335 -28.65 16.02 -11.38
CA GLU B 335 -29.90 15.99 -10.65
C GLU B 335 -29.69 15.76 -9.16
N ALA B 336 -28.52 16.12 -8.62
CA ALA B 336 -28.23 15.96 -7.21
C ALA B 336 -29.13 16.84 -6.34
N GLU B 337 -29.28 18.12 -6.71
CA GLU B 337 -30.15 19.04 -5.99
C GLU B 337 -31.57 18.46 -5.90
N MET B 338 -32.10 18.00 -7.04
CA MET B 338 -33.44 17.45 -7.10
C MET B 338 -33.55 16.22 -6.20
N ALA B 339 -32.46 15.44 -6.08
CA ALA B 339 -32.47 14.25 -5.23
C ALA B 339 -32.49 14.64 -3.74
N GLN B 340 -31.69 15.65 -3.38
CA GLN B 340 -31.66 16.17 -2.02
C GLN B 340 -33.06 16.60 -1.57
N ASN B 341 -33.81 17.24 -2.48
CA ASN B 341 -35.18 17.67 -2.22
C ASN B 341 -36.13 16.48 -2.14
N ALA B 342 -35.92 15.50 -3.03
CA ALA B 342 -36.79 14.33 -3.12
C ALA B 342 -36.77 13.52 -1.83
N VAL B 343 -35.61 13.47 -1.16
CA VAL B 343 -35.51 12.73 0.09
C VAL B 343 -36.48 13.34 1.11
N ARG B 344 -36.55 14.68 1.15
CA ARG B 344 -37.44 15.38 2.06
C ARG B 344 -38.89 15.14 1.65
N LEU B 345 -39.17 15.31 0.36
CA LEU B 345 -40.55 15.23 -0.14
C LEU B 345 -41.12 13.81 0.04
N HIS B 346 -40.27 12.78 0.04
CA HIS B 346 -40.76 11.43 0.23
C HIS B 346 -40.63 10.97 1.68
N TYR B 347 -40.64 11.93 2.62
CA TYR B 347 -40.77 11.74 4.06
C TYR B 347 -39.57 11.00 4.65
N GLY B 348 -38.36 11.31 4.14
CA GLY B 348 -37.17 10.58 4.48
C GLY B 348 -36.38 11.18 5.64
N LEU B 349 -36.55 12.48 5.94
CA LEU B 349 -35.66 13.16 6.86
C LEU B 349 -35.77 12.60 8.27
N PRO B 350 -36.98 12.31 8.81
CA PRO B 350 -37.07 11.72 10.15
C PRO B 350 -36.37 10.37 10.31
N VAL B 351 -36.50 9.48 9.33
CA VAL B 351 -35.91 8.15 9.43
C VAL B 351 -34.39 8.26 9.34
N VAL B 352 -33.88 9.18 8.51
CA VAL B 352 -32.45 9.37 8.35
C VAL B 352 -31.83 9.80 9.69
N VAL B 353 -32.47 10.72 10.42
CA VAL B 353 -31.95 11.13 11.72
C VAL B 353 -32.06 9.98 12.71
N LYS B 354 -33.13 9.19 12.64
CA LYS B 354 -33.34 8.09 13.57
C LYS B 354 -32.17 7.09 13.51
N LEU B 355 -31.62 6.86 12.32
CA LEU B 355 -30.58 5.85 12.12
C LEU B 355 -29.24 6.26 12.74
N LEU B 356 -29.09 7.52 13.19
CA LEU B 356 -27.93 7.97 13.94
C LEU B 356 -27.92 7.41 15.37
N HIS B 357 -29.07 6.87 15.83
CA HIS B 357 -29.23 6.42 17.21
C HIS B 357 -29.14 4.90 17.31
N PRO B 358 -28.87 4.36 18.51
CA PRO B 358 -28.92 2.90 18.71
C PRO B 358 -30.28 2.37 18.27
N PRO B 359 -30.38 1.11 17.78
CA PRO B 359 -29.26 0.15 17.79
C PRO B 359 -28.32 0.08 16.58
N SER B 360 -28.29 1.15 15.77
CA SER B 360 -27.46 1.20 14.58
C SER B 360 -25.98 0.95 14.91
N HIS B 361 -25.33 0.10 14.10
CA HIS B 361 -23.90 -0.18 14.21
C HIS B 361 -23.10 0.84 13.41
N TRP B 362 -21.77 0.83 13.57
CA TRP B 362 -20.91 1.90 13.07
C TRP B 362 -20.95 2.02 11.54
N PRO B 363 -20.98 0.93 10.75
CA PRO B 363 -21.06 1.07 9.28
C PRO B 363 -22.27 1.88 8.82
N LEU B 364 -23.42 1.65 9.46
CA LEU B 364 -24.65 2.35 9.13
C LEU B 364 -24.60 3.82 9.56
N ILE B 365 -24.03 4.08 10.75
CA ILE B 365 -23.94 5.45 11.25
C ILE B 365 -23.04 6.27 10.32
N LYS B 366 -21.92 5.69 9.90
CA LYS B 366 -20.99 6.37 9.00
C LYS B 366 -21.71 6.80 7.73
N ALA B 367 -22.48 5.88 7.12
CA ALA B 367 -23.18 6.15 5.88
C ALA B 367 -24.26 7.21 6.08
N THR B 368 -24.99 7.14 7.20
CA THR B 368 -26.08 8.06 7.50
C THR B 368 -25.54 9.48 7.67
N VAL B 369 -24.39 9.64 8.33
CA VAL B 369 -23.80 10.96 8.52
C VAL B 369 -23.42 11.57 7.17
N GLY B 370 -22.80 10.77 6.30
CA GLY B 370 -22.47 11.20 4.95
C GLY B 370 -23.70 11.66 4.16
N LEU B 371 -24.80 10.91 4.28
CA LEU B 371 -26.05 11.28 3.64
C LEU B 371 -26.56 12.61 4.19
N ILE B 372 -26.53 12.80 5.51
CA ILE B 372 -27.00 14.06 6.11
C ILE B 372 -26.16 15.22 5.59
N ARG B 373 -24.85 15.01 5.49
CA ARG B 373 -23.95 16.02 4.95
C ARG B 373 -24.41 16.46 3.57
N ASN B 374 -24.78 15.51 2.70
CA ASN B 374 -25.24 15.84 1.35
C ASN B 374 -26.61 16.53 1.39
N LEU B 375 -27.51 16.04 2.23
CA LEU B 375 -28.85 16.60 2.34
C LEU B 375 -28.78 18.08 2.73
N ALA B 376 -27.82 18.40 3.62
CA ALA B 376 -27.63 19.76 4.10
C ALA B 376 -27.14 20.72 3.02
N LEU B 377 -26.72 20.22 1.84
CA LEU B 377 -26.34 21.11 0.73
C LEU B 377 -27.55 21.87 0.21
N CYS B 378 -28.75 21.29 0.38
CA CYS B 378 -30.02 21.88 -0.03
C CYS B 378 -30.60 22.73 1.10
N PRO B 379 -30.69 24.06 0.93
CA PRO B 379 -31.18 24.94 2.00
C PRO B 379 -32.57 24.63 2.56
N ALA B 380 -33.44 24.03 1.75
CA ALA B 380 -34.78 23.65 2.18
C ALA B 380 -34.74 22.48 3.18
N ASN B 381 -33.57 21.87 3.39
CA ASN B 381 -33.39 20.79 4.35
C ASN B 381 -32.78 21.28 5.67
N HIS B 382 -32.34 22.54 5.74
CA HIS B 382 -31.68 23.06 6.93
C HIS B 382 -32.62 23.07 8.13
N ALA B 383 -33.84 23.59 7.94
CA ALA B 383 -34.82 23.67 9.02
C ALA B 383 -35.34 22.29 9.41
N PRO B 384 -35.86 21.44 8.49
CA PRO B 384 -36.36 20.12 8.89
C PRO B 384 -35.29 19.27 9.56
N LEU B 385 -34.04 19.35 9.09
CA LEU B 385 -32.97 18.60 9.71
C LEU B 385 -32.77 19.08 11.16
N ARG B 386 -32.88 20.40 11.39
CA ARG B 386 -32.75 20.96 12.72
C ARG B 386 -33.89 20.47 13.62
N GLU B 387 -35.12 20.58 13.13
CA GLU B 387 -36.32 20.26 13.88
C GLU B 387 -36.36 18.77 14.23
N GLN B 388 -35.77 17.92 13.38
CA GLN B 388 -35.80 16.48 13.59
C GLN B 388 -34.68 16.01 14.54
N GLY B 389 -33.84 16.94 15.01
CA GLY B 389 -32.88 16.65 16.08
C GLY B 389 -31.51 16.19 15.59
N ALA B 390 -31.10 16.61 14.38
CA ALA B 390 -29.89 16.08 13.78
C ALA B 390 -28.63 16.67 14.46
N ILE B 391 -28.67 17.95 14.82
CA ILE B 391 -27.48 18.63 15.30
C ILE B 391 -27.04 18.08 16.65
N PRO B 392 -27.89 17.98 17.69
CA PRO B 392 -27.44 17.42 18.97
C PRO B 392 -26.84 16.03 18.85
N ARG B 393 -27.43 15.17 18.01
CA ARG B 393 -26.94 13.81 17.88
C ARG B 393 -25.59 13.78 17.16
N LEU B 394 -25.41 14.60 16.11
CA LEU B 394 -24.14 14.66 15.40
C LEU B 394 -23.04 15.13 16.35
N VAL B 395 -23.37 16.09 17.22
CA VAL B 395 -22.40 16.61 18.18
C VAL B 395 -22.06 15.55 19.22
N GLN B 396 -23.04 14.78 19.71
CA GLN B 396 -22.76 13.73 20.69
C GLN B 396 -21.87 12.66 20.07
N LEU B 397 -22.18 12.28 18.82
CA LEU B 397 -21.37 11.33 18.08
C LEU B 397 -19.93 11.84 17.97
N LEU B 398 -19.77 13.12 17.61
CA LEU B 398 -18.46 13.73 17.42
C LEU B 398 -17.66 13.75 18.72
N VAL B 399 -18.30 14.22 19.81
CA VAL B 399 -17.63 14.39 21.09
C VAL B 399 -17.08 13.04 21.58
N ARG B 400 -17.89 11.99 21.50
CA ARG B 400 -17.47 10.68 21.97
C ARG B 400 -16.41 10.08 21.03
N ALA B 401 -16.58 10.24 19.72
CA ALA B 401 -15.63 9.72 18.75
C ALA B 401 -14.26 10.35 18.95
N HIS B 402 -14.21 11.67 19.21
CA HIS B 402 -12.96 12.36 19.45
C HIS B 402 -12.27 11.81 20.71
N GLN B 403 -13.04 11.62 21.80
CA GLN B 403 -12.51 11.04 23.03
C GLN B 403 -11.88 9.68 22.74
N ASP B 404 -12.59 8.84 21.99
CA ASP B 404 -12.13 7.50 21.65
C ASP B 404 -10.80 7.54 20.92
N THR B 405 -10.57 8.56 20.06
CA THR B 405 -9.31 8.66 19.32
C THR B 405 -8.20 9.08 20.26
N GLN B 406 -8.51 9.98 21.20
CA GLN B 406 -7.49 10.54 22.09
C GLN B 406 -7.07 9.50 23.13
N ARG B 407 -7.95 8.56 23.49
CA ARG B 407 -7.62 7.50 24.44
C ARG B 407 -6.77 6.43 23.74
N ARG B 408 -7.18 6.03 22.53
CA ARG B 408 -6.42 5.06 21.75
C ARG B 408 -5.23 5.76 21.06
N PHE B 418 -10.13 -0.14 14.44
CA PHE B 418 -11.42 -0.44 13.75
C PHE B 418 -12.42 -1.00 14.76
N VAL B 419 -13.40 -0.16 15.13
CA VAL B 419 -14.55 -0.61 15.89
C VAL B 419 -15.64 -0.95 14.88
N GLU B 420 -15.95 -2.24 14.71
CA GLU B 420 -16.91 -2.71 13.72
C GLU B 420 -16.48 -2.27 12.31
N GLY B 421 -15.17 -2.38 12.05
CA GLY B 421 -14.59 -2.07 10.74
C GLY B 421 -14.46 -0.56 10.49
N VAL B 422 -14.81 0.28 11.47
CA VAL B 422 -14.81 1.72 11.30
C VAL B 422 -13.87 2.33 12.33
N ARG B 423 -12.97 3.20 11.84
CA ARG B 423 -12.05 3.92 12.73
C ARG B 423 -12.77 5.18 13.21
N MET B 424 -12.62 5.52 14.48
CA MET B 424 -13.39 6.62 15.05
C MET B 424 -12.99 7.95 14.42
N GLU B 425 -11.79 8.02 13.81
CA GLU B 425 -11.37 9.18 13.03
C GLU B 425 -12.36 9.47 11.90
N GLU B 426 -12.95 8.41 11.32
CA GLU B 426 -13.90 8.55 10.21
C GLU B 426 -15.18 9.22 10.71
N ILE B 427 -15.58 8.91 11.94
CA ILE B 427 -16.77 9.46 12.55
C ILE B 427 -16.54 10.93 12.90
N VAL B 428 -15.35 11.25 13.43
CA VAL B 428 -14.96 12.62 13.72
C VAL B 428 -15.07 13.48 12.46
N GLU B 429 -14.46 12.99 11.37
CA GLU B 429 -14.41 13.72 10.11
C GLU B 429 -15.81 13.87 9.54
N GLY B 430 -16.58 12.77 9.52
CA GLY B 430 -17.93 12.76 8.98
C GLY B 430 -18.84 13.76 9.70
N CYS B 431 -18.87 13.68 11.03
CA CYS B 431 -19.74 14.52 11.83
C CYS B 431 -19.36 15.99 11.69
N THR B 432 -18.05 16.28 11.74
CA THR B 432 -17.58 17.66 11.62
C THR B 432 -17.95 18.18 10.23
N GLY B 433 -17.82 17.31 9.21
CA GLY B 433 -18.18 17.66 7.84
C GLY B 433 -19.65 18.01 7.69
N ALA B 434 -20.54 17.20 8.30
CA ALA B 434 -21.97 17.47 8.23
C ALA B 434 -22.28 18.79 8.94
N LEU B 435 -21.61 19.03 10.07
CA LEU B 435 -21.84 20.24 10.84
C LEU B 435 -21.35 21.47 10.05
N HIS B 436 -20.24 21.32 9.32
CA HIS B 436 -19.71 22.36 8.45
C HIS B 436 -20.76 22.81 7.45
N ILE B 437 -21.51 21.87 6.88
CA ILE B 437 -22.54 22.22 5.90
C ILE B 437 -23.77 22.80 6.62
N LEU B 438 -24.20 22.20 7.73
CA LEU B 438 -25.38 22.70 8.45
C LEU B 438 -25.15 24.12 8.97
N ALA B 439 -23.89 24.48 9.28
CA ALA B 439 -23.57 25.80 9.80
C ALA B 439 -23.75 26.91 8.76
N ARG B 440 -24.24 26.60 7.55
CA ARG B 440 -24.56 27.61 6.56
C ARG B 440 -25.82 28.39 6.95
N ASP B 441 -26.66 27.82 7.84
CA ASP B 441 -27.89 28.44 8.29
C ASP B 441 -27.68 29.13 9.63
N VAL B 442 -28.30 30.32 9.80
CA VAL B 442 -28.09 31.15 10.99
C VAL B 442 -28.65 30.47 12.24
N HIS B 443 -29.79 29.78 12.14
CA HIS B 443 -30.39 29.15 13.31
C HIS B 443 -29.57 27.92 13.70
N ASN B 444 -29.04 27.20 12.70
CA ASN B 444 -28.18 26.05 12.96
C ASN B 444 -26.93 26.47 13.73
N ARG B 445 -26.36 27.65 13.42
CA ARG B 445 -25.14 28.12 14.07
C ARG B 445 -25.40 28.42 15.55
N ILE B 446 -26.60 28.93 15.85
CA ILE B 446 -26.99 29.21 17.23
C ILE B 446 -26.99 27.89 18.02
N VAL B 447 -27.60 26.85 17.43
CA VAL B 447 -27.68 25.55 18.08
C VAL B 447 -26.28 24.97 18.27
N ILE B 448 -25.44 24.98 17.22
CA ILE B 448 -24.10 24.39 17.27
C ILE B 448 -23.28 25.09 18.36
N ARG B 449 -23.36 26.42 18.43
CA ARG B 449 -22.58 27.18 19.39
C ARG B 449 -23.07 26.91 20.81
N GLY B 450 -24.40 26.80 21.00
CA GLY B 450 -25.01 26.57 22.30
C GLY B 450 -24.61 25.22 22.91
N LEU B 451 -24.10 24.30 22.08
CA LEU B 451 -23.66 23.00 22.55
C LEU B 451 -22.17 22.99 22.92
N ASN B 452 -21.58 24.18 23.08
CA ASN B 452 -20.17 24.36 23.44
C ASN B 452 -19.27 23.47 22.57
N THR B 453 -19.31 23.71 21.26
CA THR B 453 -18.57 22.93 20.28
C THR B 453 -17.26 23.62 19.90
N ILE B 454 -17.16 24.94 20.15
CA ILE B 454 -16.00 25.70 19.69
C ILE B 454 -14.72 25.14 20.32
N PRO B 455 -14.62 24.87 21.64
CA PRO B 455 -13.40 24.25 22.17
C PRO B 455 -13.00 22.99 21.43
N LEU B 456 -13.97 22.14 21.08
CA LEU B 456 -13.69 20.89 20.38
C LEU B 456 -13.20 21.17 18.95
N PHE B 457 -13.85 22.10 18.24
CA PHE B 457 -13.46 22.44 16.88
C PHE B 457 -12.03 22.99 16.84
N VAL B 458 -11.65 23.76 17.86
CA VAL B 458 -10.30 24.30 17.95
C VAL B 458 -9.29 23.19 18.23
N GLN B 459 -9.65 22.21 19.08
N GLN B 459 -9.70 22.20 19.04
CA GLN B 459 -8.78 21.07 19.32
CA GLN B 459 -8.89 21.04 19.38
C GLN B 459 -8.51 20.30 18.03
C GLN B 459 -8.64 20.15 18.17
N LEU B 460 -9.52 20.23 17.16
CA LEU B 460 -9.41 19.42 15.94
C LEU B 460 -8.43 20.03 14.94
N LEU B 461 -8.09 21.31 15.09
CA LEU B 461 -7.10 21.95 14.22
C LEU B 461 -5.75 21.26 14.36
N TYR B 462 -5.48 20.66 15.53
CA TYR B 462 -4.24 19.97 15.83
C TYR B 462 -4.29 18.49 15.45
N SER B 463 -5.24 18.09 14.59
CA SER B 463 -5.39 16.71 14.19
C SER B 463 -4.28 16.34 13.20
N PRO B 464 -3.68 15.14 13.29
CA PRO B 464 -2.73 14.70 12.27
C PRO B 464 -3.38 14.50 10.90
N ILE B 465 -4.70 14.27 10.87
CA ILE B 465 -5.42 14.02 9.63
C ILE B 465 -5.90 15.34 9.00
N GLU B 466 -5.46 15.59 7.77
CA GLU B 466 -5.69 16.85 7.07
C GLU B 466 -7.17 17.08 6.81
N ASN B 467 -7.90 15.99 6.51
CA ASN B 467 -9.32 16.09 6.20
C ASN B 467 -10.10 16.58 7.44
N ILE B 468 -9.64 16.20 8.64
CA ILE B 468 -10.30 16.64 9.86
C ILE B 468 -9.98 18.11 10.09
N GLN B 469 -8.73 18.52 9.84
CA GLN B 469 -8.35 19.91 9.97
C GLN B 469 -9.16 20.78 9.00
N ARG B 470 -9.47 20.24 7.81
CA ARG B 470 -10.18 21.02 6.81
C ARG B 470 -11.63 21.29 7.25
N VAL B 471 -12.34 20.25 7.73
CA VAL B 471 -13.74 20.42 8.09
C VAL B 471 -13.85 21.20 9.40
N ALA B 472 -12.89 21.02 10.31
CA ALA B 472 -12.86 21.78 11.56
C ALA B 472 -12.64 23.26 11.26
N ALA B 473 -11.72 23.57 10.34
CA ALA B 473 -11.45 24.93 9.92
C ALA B 473 -12.65 25.54 9.21
N GLY B 474 -13.33 24.73 8.39
CA GLY B 474 -14.52 25.16 7.66
C GLY B 474 -15.69 25.51 8.58
N VAL B 475 -15.96 24.66 9.59
CA VAL B 475 -17.07 24.91 10.49
C VAL B 475 -16.76 26.14 11.33
N LEU B 476 -15.50 26.32 11.78
CA LEU B 476 -15.10 27.53 12.49
C LEU B 476 -15.27 28.76 11.58
N CYS B 477 -15.04 28.59 10.28
CA CYS B 477 -15.16 29.66 9.31
C CYS B 477 -16.62 30.12 9.17
N GLU B 478 -17.55 29.16 9.12
CA GLU B 478 -18.97 29.48 9.09
C GLU B 478 -19.42 30.20 10.36
N LEU B 479 -18.93 29.73 11.52
CA LEU B 479 -19.33 30.28 12.82
C LEU B 479 -18.81 31.70 13.01
N ALA B 480 -17.58 31.96 12.54
CA ALA B 480 -16.89 33.23 12.76
C ALA B 480 -17.55 34.40 12.03
N GLN B 481 -18.49 34.11 11.12
CA GLN B 481 -19.20 35.17 10.41
C GLN B 481 -20.08 35.96 11.38
N ASP B 482 -20.40 35.37 12.54
CA ASP B 482 -21.15 36.07 13.58
C ASP B 482 -20.14 36.55 14.64
N LYS B 483 -20.25 37.83 15.00
CA LYS B 483 -19.20 38.51 15.75
C LYS B 483 -18.98 37.85 17.10
N GLU B 484 -20.08 37.47 17.76
CA GLU B 484 -20.04 36.86 19.08
C GLU B 484 -19.22 35.56 19.04
N ALA B 485 -19.40 34.78 17.97
CA ALA B 485 -18.74 33.50 17.80
C ALA B 485 -17.26 33.69 17.49
N ALA B 486 -16.93 34.71 16.68
CA ALA B 486 -15.55 35.00 16.33
C ALA B 486 -14.71 35.31 17.58
N GLU B 487 -15.31 36.04 18.52
CA GLU B 487 -14.63 36.40 19.76
C GLU B 487 -14.42 35.15 20.62
N ALA B 488 -15.42 34.25 20.64
CA ALA B 488 -15.31 33.00 21.37
C ALA B 488 -14.21 32.11 20.76
N ILE B 489 -14.15 32.04 19.42
CA ILE B 489 -13.12 31.27 18.74
C ILE B 489 -11.74 31.78 19.11
N GLU B 490 -11.56 33.11 19.12
CA GLU B 490 -10.31 33.74 19.52
C GLU B 490 -9.99 33.43 20.98
N ALA B 491 -11.00 33.54 21.86
CA ALA B 491 -10.83 33.29 23.28
C ALA B 491 -10.32 31.87 23.55
N GLU B 492 -10.56 30.96 22.60
CA GLU B 492 -10.17 29.55 22.75
C GLU B 492 -8.72 29.32 22.31
N GLY B 493 -8.01 30.37 21.87
CA GLY B 493 -6.62 30.24 21.46
C GLY B 493 -6.48 29.58 20.09
N ALA B 494 -7.33 29.99 19.15
CA ALA B 494 -7.35 29.39 17.81
C ALA B 494 -6.33 30.07 16.88
N THR B 495 -5.89 31.29 17.22
CA THR B 495 -5.00 32.04 16.35
C THR B 495 -3.70 31.26 16.10
N ALA B 496 -3.15 30.66 17.16
CA ALA B 496 -1.91 29.90 17.06
C ALA B 496 -2.07 28.76 16.04
N PRO B 497 -2.95 27.75 16.24
CA PRO B 497 -3.09 26.68 15.25
C PRO B 497 -3.40 27.19 13.84
N LEU B 498 -4.31 28.18 13.73
CA LEU B 498 -4.73 28.69 12.43
C LEU B 498 -3.56 29.31 11.67
N THR B 499 -2.67 30.02 12.38
CA THR B 499 -1.51 30.66 11.78
C THR B 499 -0.61 29.60 11.14
N GLU B 500 -0.35 28.52 11.88
CA GLU B 500 0.42 27.38 11.39
C GLU B 500 -0.23 26.75 10.16
N LEU B 501 -1.57 26.65 10.15
CA LEU B 501 -2.29 25.98 9.06
C LEU B 501 -2.32 26.81 7.77
N LEU B 502 -1.94 28.10 7.83
CA LEU B 502 -1.79 28.92 6.63
C LEU B 502 -0.77 28.31 5.67
N HIS B 503 0.15 27.48 6.19
CA HIS B 503 1.23 26.89 5.43
C HIS B 503 0.97 25.41 5.11
N SER B 504 -0.28 24.96 5.28
CA SER B 504 -0.63 23.57 5.02
C SER B 504 -0.46 23.26 3.54
N ARG B 505 0.05 22.07 3.23
CA ARG B 505 0.16 21.61 1.85
C ARG B 505 -1.22 21.32 1.27
N ASN B 506 -2.25 21.27 2.14
CA ASN B 506 -3.63 21.09 1.73
C ASN B 506 -4.25 22.48 1.53
N GLU B 507 -4.62 22.81 0.28
CA GLU B 507 -5.06 24.14 -0.10
C GLU B 507 -6.36 24.51 0.61
N GLY B 508 -7.21 23.51 0.88
CA GLY B 508 -8.48 23.72 1.54
C GLY B 508 -8.29 24.18 2.99
N VAL B 509 -7.42 23.46 3.71
CA VAL B 509 -7.06 23.82 5.07
C VAL B 509 -6.56 25.26 5.13
N ALA B 510 -5.63 25.62 4.24
CA ALA B 510 -4.97 26.92 4.25
C ALA B 510 -5.94 28.06 3.94
N THR B 511 -6.87 27.81 3.02
CA THR B 511 -7.84 28.81 2.59
C THR B 511 -8.79 29.14 3.74
N TYR B 512 -9.32 28.11 4.41
CA TYR B 512 -10.25 28.26 5.53
C TYR B 512 -9.59 28.97 6.70
N ALA B 513 -8.35 28.56 7.06
CA ALA B 513 -7.62 29.15 8.17
C ALA B 513 -7.50 30.68 8.00
N ALA B 514 -7.17 31.12 6.78
CA ALA B 514 -7.02 32.54 6.48
C ALA B 514 -8.33 33.28 6.67
N ALA B 515 -9.44 32.64 6.29
CA ALA B 515 -10.77 33.22 6.41
C ALA B 515 -11.17 33.38 7.88
N VAL B 516 -10.78 32.44 8.75
CA VAL B 516 -11.15 32.53 10.16
C VAL B 516 -10.32 33.65 10.79
N LEU B 517 -9.00 33.64 10.54
CA LEU B 517 -8.09 34.66 11.03
C LEU B 517 -8.56 36.05 10.61
N PHE B 518 -9.08 36.17 9.38
CA PHE B 518 -9.56 37.43 8.86
C PHE B 518 -10.73 37.94 9.68
N ARG B 519 -11.72 37.06 9.95
CA ARG B 519 -12.93 37.45 10.65
C ARG B 519 -12.65 37.77 12.12
N MET B 520 -11.59 37.15 12.69
CA MET B 520 -11.23 37.41 14.07
C MET B 520 -10.57 38.79 14.23
N SER B 521 -9.93 39.30 13.17
CA SER B 521 -9.27 40.60 13.22
C SER B 521 -10.18 41.72 12.71
N GLU B 522 -11.30 41.36 12.05
CA GLU B 522 -12.22 42.32 11.48
C GLU B 522 -12.83 43.19 12.60
C ACE C 1 45.74 -0.42 30.96
O ACE C 1 45.38 0.07 29.93
CH3 ACE C 1 44.77 -0.54 32.12
N MH8 C 2 46.99 -0.89 31.17
CA MH8 C 2 48.06 -0.90 30.19
CB1 MH8 C 2 48.38 0.55 29.83
CB2 MH8 C 2 49.28 -1.63 30.81
CG MH8 C 2 50.49 -1.81 29.89
CD MH8 C 2 50.64 -3.20 29.26
CE MH8 C 2 51.18 -3.13 27.86
CZ MH8 C 2 50.80 -3.85 26.82
C MH8 C 2 47.61 -1.68 28.96
O MH8 C 2 47.98 -1.33 27.83
N ILE C 3 46.84 -2.76 29.19
CA ILE C 3 46.30 -3.61 28.15
C ILE C 3 45.51 -2.80 27.13
N LEU C 4 44.82 -1.74 27.59
CA LEU C 4 43.95 -0.94 26.73
C LEU C 4 44.77 -0.10 25.75
N ASP C 5 45.74 0.67 26.26
CA ASP C 5 46.61 1.51 25.42
C ASP C 5 47.22 0.67 24.29
N B5I C 6 47.88 -0.41 24.67
CA B5I C 6 48.60 -1.44 23.89
C B5I C 6 47.64 -1.97 22.79
O B5I C 6 48.07 -2.03 21.63
CB B5I C 6 49.83 -0.78 23.25
CD B5I C 6 49.99 -3.60 24.42
CE B5I C 6 51.19 -3.62 25.38
CH B5I C 6 51.88 0.71 23.45
CI B5I C 6 50.74 -0.01 24.19
CK B5I C 6 48.93 -2.59 24.85
N HIS C 7 46.40 -2.23 23.17
CA HIS C 7 45.39 -2.80 22.24
C HIS C 7 44.92 -1.73 21.24
N LEU C 8 44.67 -0.49 21.71
CA LEU C 8 44.22 0.61 20.86
C LEU C 8 45.20 0.82 19.70
N MH8 C 9 46.49 0.89 20.05
CA MH8 C 9 47.62 1.11 19.16
CB1 MH8 C 9 47.47 2.49 18.52
CB2 MH8 C 9 48.89 1.02 20.03
CG MH8 C 9 50.22 1.34 19.35
CD MH8 C 9 51.40 1.25 20.32
CE MH8 C 9 51.31 2.22 21.47
CZ MH8 C 9 51.46 1.99 22.77
C MH8 C 9 47.65 0.00 18.12
O MH8 C 9 47.81 0.27 16.92
N ARG C 10 47.55 -1.26 18.58
CA ARG C 10 47.61 -2.44 17.73
C ARG C 10 46.47 -2.44 16.69
N VAL C 11 45.24 -2.16 17.13
CA VAL C 11 44.06 -2.25 16.28
C VAL C 11 43.98 -1.03 15.36
N TRP C 12 44.06 0.19 15.92
CA TRP C 12 43.95 1.41 15.15
C TRP C 12 45.29 2.15 15.07
N NH2 C 13 46.35 1.39 14.89
C1 GLC D . 26.13 5.40 5.23
C2 GLC D . 25.80 6.47 4.18
C3 GLC D . 26.26 6.05 2.79
C4 GLC D . 27.74 5.67 2.83
C5 GLC D . 27.92 4.51 3.82
C6 GLC D . 29.36 3.98 3.81
O1 GLC D . 25.22 4.29 5.16
O2 GLC D . 24.39 6.74 4.16
O3 GLC D . 26.06 7.13 1.86
O4 GLC D . 28.27 5.38 1.54
O5 GLC D . 27.51 4.98 5.11
O6 GLC D . 30.26 4.96 4.35
C TRS E . 16.69 12.79 -20.49
C1 TRS E . 15.39 13.60 -20.32
C2 TRS E . 17.89 13.70 -20.70
C3 TRS E . 16.57 11.80 -21.64
N TRS E . 16.91 12.02 -19.22
O1 TRS E . 15.15 14.51 -21.39
O2 TRS E . 18.10 14.58 -19.61
O3 TRS E . 15.65 10.76 -21.36
C TRS F . -3.93 33.99 -8.33
C1 TRS F . -3.57 35.37 -8.93
C2 TRS F . -2.93 33.60 -7.25
C3 TRS F . -3.97 32.93 -9.42
N TRS F . -5.29 34.08 -7.72
O1 TRS F . -2.33 35.33 -9.62
O2 TRS F . -3.04 34.44 -6.10
O3 TRS F . -4.89 33.26 -10.46
C1 GLC G . 33.43 -4.90 7.02
C2 GLC G . 33.83 -5.65 8.28
C3 GLC G . 32.97 -5.24 9.48
C4 GLC G . 32.93 -3.73 9.62
C5 GLC G . 32.50 -3.08 8.30
C6 GLC G . 32.49 -1.56 8.38
O1 GLC G . 32.14 -5.34 6.56
O2 GLC G . 33.67 -7.05 8.05
O3 GLC G . 33.50 -5.81 10.69
O4 GLC G . 32.01 -3.39 10.66
O5 GLC G . 33.40 -3.48 7.26
O6 GLC G . 31.97 -1.02 7.17
C1 GLC H . -1.14 30.71 -4.95
C2 GLC H . -0.65 29.26 -5.05
C3 GLC H . -0.28 28.70 -3.67
C4 GLC H . 0.70 29.64 -2.98
C5 GLC H . 0.10 31.06 -2.91
C6 GLC H . 1.01 32.06 -2.20
O1 GLC H . -2.45 30.80 -4.36
O2 GLC H . -1.67 28.44 -5.62
O3 GLC H . 0.28 27.39 -3.80
O4 GLC H . 1.00 29.16 -1.67
O5 GLC H . -0.18 31.50 -4.25
O6 GLC H . 2.13 32.43 -3.02
CL CL I . 14.63 24.64 -24.93
NA NA J . 4.19 22.76 -2.72
C TRS K . -23.23 3.00 19.00
C1 TRS K . -23.14 4.41 19.61
C2 TRS K . -24.67 2.69 18.59
C3 TRS K . -22.69 1.97 19.98
N TRS K . -22.37 2.97 17.76
O1 TRS K . -23.51 5.44 18.70
O2 TRS K . -25.34 1.86 19.52
O3 TRS K . -21.39 2.31 20.46
C TRS L . -19.56 27.21 -0.92
C1 TRS L . -19.62 27.79 0.49
C2 TRS L . -20.95 26.82 -1.42
C3 TRS L . -18.63 26.00 -0.94
N TRS L . -18.99 28.24 -1.84
O1 TRS L . -20.25 29.06 0.53
O2 TRS L . -21.86 27.92 -1.39
O3 TRS L . -18.57 25.38 -2.21
C1 GLC M . -23.07 -15.97 -3.30
C2 GLC M . -23.21 -14.60 -2.59
C3 GLC M . -23.69 -14.72 -1.15
C4 GLC M . -24.93 -15.59 -1.08
C5 GLC M . -24.60 -16.96 -1.68
C6 GLC M . -25.79 -17.91 -1.57
O1 GLC M . -21.83 -16.64 -2.98
O2 GLC M . -21.95 -13.91 -2.57
O3 GLC M . -24.00 -13.41 -0.64
O4 GLC M . -25.41 -15.71 0.26
O5 GLC M . -24.24 -16.77 -3.06
O6 GLC M . -25.45 -19.21 -2.05
C1 GLC N . -21.56 -29.84 -3.05
C2 GLC N . -20.72 -30.37 -4.22
C3 GLC N . -20.41 -29.29 -5.25
C4 GLC N . -21.72 -28.60 -5.65
C5 GLC N . -22.36 -28.02 -4.39
C6 GLC N . -23.56 -27.12 -4.64
O1 GLC N . -20.77 -29.02 -2.17
O2 GLC N . -19.47 -30.89 -3.72
O3 GLC N . -19.71 -29.83 -6.38
O4 GLC N . -21.48 -27.59 -6.64
O5 GLC N . -22.70 -29.12 -3.53
O6 GLC N . -23.13 -25.76 -4.46
C1 GLC O . -3.44 22.51 22.99
C2 GLC O . -3.99 21.16 22.53
C3 GLC O . -2.91 20.10 22.48
C4 GLC O . -1.71 20.60 21.68
C5 GLC O . -1.23 21.93 22.24
C6 GLC O . -0.05 22.55 21.49
O1 GLC O . -3.09 22.47 24.37
O2 GLC O . -5.01 20.72 23.44
O3 GLC O . -3.43 18.92 21.89
O4 GLC O . -0.68 19.59 21.71
O5 GLC O . -2.30 22.88 22.20
O6 GLC O . 0.97 21.60 21.19
C1 GLC P . -21.63 22.09 -3.82
C2 GLC P . -21.11 22.58 -2.47
C3 GLC P . -19.72 22.01 -2.23
C4 GLC P . -19.79 20.49 -2.25
C5 GLC P . -20.43 19.99 -3.57
C6 GLC P . -20.74 18.49 -3.53
O1 GLC P . -20.81 22.57 -4.89
O2 GLC P . -21.08 24.01 -2.44
O3 GLC P . -19.20 22.45 -0.97
O4 GLC P . -18.46 19.99 -2.14
O5 GLC P . -21.67 20.66 -3.80
O6 GLC P . -19.88 17.72 -2.67
NA NA Q . -36.58 -10.68 -17.59
#